data_6JS8
#
_entry.id   6JS8
#
_cell.length_a   58.886
_cell.length_b   148.789
_cell.length_c   63.196
_cell.angle_alpha   90.000
_cell.angle_beta   98.420
_cell.angle_gamma   90.000
#
_symmetry.space_group_name_H-M   'P 1 21 1'
#
loop_
_entity.id
_entity.type
_entity.pdbx_description
1 polymer 'Bifunctional cytochrome P450/NADPH--P450 reductase'
2 non-polymer 'PROTOPORPHYRIN IX CONTAINING FE'
3 non-polymer 'DIMETHYL SULFOXIDE'
4 non-polymer '(2S)-2-[[(1R,4aS,10aR)-1,4a-dimethyl-7-propan-2-yl-2,3,4,9,10,10a-hexahydrophenanthren-1-yl]carbonylamino]-3-(1H-indol-3-yl)propanoic acid'
5 non-polymer GLYCEROL
6 water water
#
_entity_poly.entity_id   1
_entity_poly.type   'polypeptide(L)'
_entity_poly.pdbx_seq_one_letter_code
;MTIKEMPQPKTFGELKNLPLLNTDKPVQALMKIADELGEIFKFEAPGRVTRYLSSQRLIKEACDESRFDKNLSQALKFVR
DFAGDGLFTSWTHEKNWKKAHNILLPSFSQQAMKGYHAMMVDIAVQLVQKWERLNADEHIEVPEDMTRLTLDTIGLCGFN
YRFNSFYRDQPHPFITSMVRALDEAMNKLQRANPDDPAYDENKRQFQEDIKVMNDLVDKIIADRKASGEQSDDLLTHMLN
GKDPETGEPLDDENIRYQIITFLIAGHETTSGLLSFALYFLVKNPHVLQKAAEEAARVLVDPVPSYKQVKQLKYVGMVLN
EALRLWPTAPAFSLYAKEDTVLGGEYPLEKGDELMVLIPQLHRDKTIWGDDVEEFRPERFENPSAIPQHAFKPFGNGQRA
CIGQQFALHEATLVLGMMLKHFDFEDHTNYELDIKETLTLKPEGFVVKAKSKKIPL
;
_entity_poly.pdbx_strand_id   A,B
#
# COMPACT_ATOMS: atom_id res chain seq x y z
N THR A 2 -17.50 46.15 -37.51
CA THR A 2 -16.31 47.05 -37.54
C THR A 2 -15.06 46.26 -37.13
N ILE A 3 -14.05 46.22 -38.00
CA ILE A 3 -12.75 45.52 -37.77
C ILE A 3 -12.04 46.25 -36.62
N LYS A 4 -11.65 45.50 -35.59
CA LYS A 4 -11.14 46.03 -34.28
C LYS A 4 -9.69 45.58 -34.09
N GLU A 5 -8.89 46.42 -33.45
CA GLU A 5 -7.52 46.07 -33.00
C GLU A 5 -7.64 45.22 -31.74
N MET A 6 -6.88 44.13 -31.70
CA MET A 6 -6.88 43.18 -30.58
C MET A 6 -6.01 43.69 -29.45
N PRO A 7 -6.48 43.67 -28.18
CA PRO A 7 -5.62 43.97 -27.05
C PRO A 7 -4.44 43.00 -26.94
N GLN A 8 -3.41 43.43 -26.24
CA GLN A 8 -2.18 42.64 -26.01
C GLN A 8 -1.63 42.96 -24.63
N PRO A 9 -1.18 41.94 -23.86
CA PRO A 9 -0.64 42.20 -22.54
C PRO A 9 0.77 42.79 -22.63
N LYS A 10 1.33 43.12 -21.47
CA LYS A 10 2.60 43.86 -21.40
C LYS A 10 3.73 43.08 -22.10
N THR A 11 4.64 43.83 -22.71
CA THR A 11 5.76 43.26 -23.47
C THR A 11 7.10 43.50 -22.78
N PHE A 12 8.09 42.73 -23.22
CA PHE A 12 9.46 42.66 -22.67
C PHE A 12 10.44 42.85 -23.83
N GLY A 13 10.30 43.98 -24.54
CA GLY A 13 11.14 44.28 -25.70
C GLY A 13 11.11 43.13 -26.70
N GLU A 14 12.30 42.65 -27.10
CA GLU A 14 12.46 41.63 -28.19
C GLU A 14 11.83 40.29 -27.78
N LEU A 15 11.61 40.06 -26.48
CA LEU A 15 10.96 38.81 -26.00
C LEU A 15 9.43 38.94 -26.09
N LYS A 16 8.92 40.12 -26.43
CA LYS A 16 7.45 40.33 -26.63
C LYS A 16 6.74 39.84 -25.35
N ASN A 17 5.75 38.96 -25.46
CA ASN A 17 4.96 38.54 -24.28
C ASN A 17 5.54 37.26 -23.64
N LEU A 18 6.61 36.69 -24.20
CA LEU A 18 7.07 35.33 -23.78
C LEU A 18 7.28 35.25 -22.26
N PRO A 19 7.92 36.24 -21.58
CA PRO A 19 8.16 36.08 -20.15
C PRO A 19 6.91 35.97 -19.25
N LEU A 20 5.72 36.35 -19.74
CA LEU A 20 4.47 36.21 -18.95
C LEU A 20 4.19 34.75 -18.61
N LEU A 21 4.67 33.80 -19.42
CA LEU A 21 4.40 32.37 -19.16
C LEU A 21 5.60 31.74 -18.44
N ASN A 22 6.60 32.54 -18.08
CA ASN A 22 7.72 32.10 -17.20
C ASN A 22 7.24 32.20 -15.75
N THR A 23 6.37 31.27 -15.36
CA THR A 23 5.62 31.27 -14.09
C THR A 23 5.21 29.84 -13.77
N ASP A 24 5.03 29.46 -12.50
N ASP A 24 5.05 29.58 -12.46
CA ASP A 24 4.58 28.08 -12.23
CA ASP A 24 4.56 28.30 -11.87
C ASP A 24 3.05 28.02 -12.27
C ASP A 24 3.10 28.06 -12.27
N LYS A 25 2.35 29.14 -12.51
CA LYS A 25 0.86 29.10 -12.62
C LYS A 25 0.39 29.84 -13.87
N PRO A 26 0.77 29.36 -15.08
CA PRO A 26 0.48 30.10 -16.30
C PRO A 26 -1.01 30.24 -16.63
N VAL A 27 -1.82 29.21 -16.37
CA VAL A 27 -3.28 29.31 -16.65
C VAL A 27 -3.87 30.40 -15.75
N GLN A 28 -3.52 30.41 -14.47
CA GLN A 28 -4.07 31.43 -13.55
C GLN A 28 -3.57 32.80 -13.98
N ALA A 29 -2.33 32.91 -14.50
CA ALA A 29 -1.79 34.18 -15.00
C ALA A 29 -2.59 34.64 -16.22
N LEU A 30 -2.90 33.73 -17.12
CA LEU A 30 -3.66 34.09 -18.34
C LEU A 30 -5.09 34.48 -17.96
N MET A 31 -5.68 33.86 -16.94
CA MET A 31 -7.03 34.24 -16.46
C MET A 31 -7.01 35.69 -15.94
N LYS A 32 -5.96 36.09 -15.23
CA LYS A 32 -5.86 37.48 -14.72
C LYS A 32 -5.69 38.44 -15.90
N ILE A 33 -4.94 38.05 -16.92
CA ILE A 33 -4.79 38.89 -18.14
C ILE A 33 -6.15 39.03 -18.79
N ALA A 34 -6.87 37.93 -18.93
CA ALA A 34 -8.23 37.96 -19.54
C ALA A 34 -9.15 38.88 -18.73
N ASP A 35 -9.08 38.85 -17.41
CA ASP A 35 -9.90 39.75 -16.55
C ASP A 35 -9.65 41.20 -16.93
N GLU A 36 -8.39 41.53 -17.24
CA GLU A 36 -7.97 42.92 -17.56
C GLU A 36 -8.31 43.27 -19.00
N LEU A 37 -8.06 42.37 -19.94
CA LEU A 37 -8.09 42.72 -21.39
C LEU A 37 -9.42 42.29 -22.05
N GLY A 38 -10.13 41.34 -21.47
CA GLY A 38 -11.45 40.93 -22.00
C GLY A 38 -11.39 39.66 -22.83
N GLU A 39 -12.32 39.55 -23.77
CA GLU A 39 -12.70 38.27 -24.41
C GLU A 39 -11.64 37.76 -25.38
N ILE A 40 -10.71 38.59 -25.81
CA ILE A 40 -9.66 38.15 -26.76
C ILE A 40 -8.41 39.00 -26.54
N PHE A 41 -7.26 38.36 -26.55
CA PHE A 41 -5.98 39.10 -26.58
C PHE A 41 -4.96 38.31 -27.38
N LYS A 42 -4.08 39.06 -28.02
CA LYS A 42 -2.95 38.53 -28.80
C LYS A 42 -1.79 38.30 -27.84
N PHE A 43 -1.08 37.22 -28.08
CA PHE A 43 0.13 36.85 -27.33
C PHE A 43 1.22 36.56 -28.36
N GLU A 44 2.27 37.37 -28.34
CA GLU A 44 3.39 37.26 -29.27
C GLU A 44 4.61 36.76 -28.52
N ALA A 45 5.40 35.94 -29.18
CA ALA A 45 6.75 35.56 -28.71
C ALA A 45 7.62 35.57 -29.95
N PRO A 46 8.95 35.52 -29.80
CA PRO A 46 9.82 35.39 -30.97
C PRO A 46 9.36 34.21 -31.84
N GLY A 47 8.92 34.52 -33.08
CA GLY A 47 8.53 33.53 -34.10
C GLY A 47 7.14 32.92 -33.95
N ARG A 48 6.27 33.39 -33.05
CA ARG A 48 4.89 32.82 -32.93
CA ARG A 48 4.89 32.81 -32.92
C ARG A 48 3.91 33.89 -32.45
N VAL A 49 2.65 33.73 -32.84
CA VAL A 49 1.52 34.53 -32.30
C VAL A 49 0.35 33.57 -32.07
N THR A 50 -0.35 33.75 -30.95
CA THR A 50 -1.64 33.08 -30.74
C THR A 50 -2.60 34.10 -30.14
N ARG A 51 -3.87 33.73 -30.09
CA ARG A 51 -4.94 34.61 -29.58
C ARG A 51 -5.72 33.80 -28.55
N TYR A 52 -5.81 34.32 -27.33
CA TYR A 52 -6.50 33.66 -26.21
C TYR A 52 -7.92 34.18 -26.17
N LEU A 53 -8.89 33.27 -26.28
N LEU A 53 -8.88 33.26 -26.23
CA LEU A 53 -10.35 33.55 -26.27
CA LEU A 53 -10.33 33.54 -26.25
C LEU A 53 -10.93 33.17 -24.90
C LEU A 53 -10.95 33.15 -24.91
N SER A 54 -11.85 33.99 -24.41
CA SER A 54 -12.46 33.82 -23.07
C SER A 54 -13.99 33.98 -23.09
N SER A 55 -14.59 34.45 -24.19
CA SER A 55 -16.06 34.69 -24.18
C SER A 55 -16.78 33.57 -24.93
N GLN A 56 -17.99 33.26 -24.49
CA GLN A 56 -18.86 32.35 -25.25
C GLN A 56 -19.14 32.94 -26.65
N ARG A 57 -19.23 34.25 -26.78
CA ARG A 57 -19.57 34.86 -28.09
C ARG A 57 -18.50 34.45 -29.12
N LEU A 58 -17.24 34.47 -28.76
CA LEU A 58 -16.18 34.16 -29.73
C LEU A 58 -15.90 32.65 -29.74
N ILE A 59 -15.96 32.01 -28.61
CA ILE A 59 -15.64 30.55 -28.56
C ILE A 59 -16.70 29.76 -29.35
N LYS A 60 -17.95 30.21 -29.38
CA LYS A 60 -18.98 29.52 -30.17
C LYS A 60 -18.57 29.51 -31.65
N GLU A 61 -17.91 30.57 -32.13
CA GLU A 61 -17.40 30.61 -33.52
C GLU A 61 -16.15 29.76 -33.68
N ALA A 62 -15.24 29.79 -32.71
CA ALA A 62 -14.02 28.95 -32.73
C ALA A 62 -14.43 27.47 -32.81
N CYS A 63 -15.59 27.11 -32.26
CA CYS A 63 -16.05 25.70 -32.19
C CYS A 63 -16.72 25.25 -33.48
N ASP A 64 -16.77 26.13 -34.49
CA ASP A 64 -17.29 25.79 -35.84
C ASP A 64 -16.22 24.96 -36.58
N GLU A 65 -16.44 23.68 -36.76
CA GLU A 65 -15.41 22.77 -37.34
C GLU A 65 -15.24 22.98 -38.85
N SER A 66 -16.15 23.71 -39.47
CA SER A 66 -16.01 24.11 -40.89
C SER A 66 -14.97 25.23 -41.02
N ARG A 67 -14.71 25.95 -39.93
CA ARG A 67 -13.80 27.12 -39.95
C ARG A 67 -12.51 26.85 -39.17
N PHE A 68 -12.53 25.98 -38.16
CA PHE A 68 -11.37 25.78 -37.26
C PHE A 68 -11.23 24.29 -36.97
N ASP A 69 -9.99 23.82 -36.93
CA ASP A 69 -9.65 22.43 -36.56
C ASP A 69 -8.71 22.46 -35.37
N LYS A 70 -8.56 21.31 -34.72
CA LYS A 70 -7.62 21.19 -33.59
C LYS A 70 -6.19 21.46 -34.05
N ASN A 71 -5.50 22.32 -33.31
CA ASN A 71 -4.04 22.54 -33.45
C ASN A 71 -3.32 21.76 -32.37
N LEU A 72 -2.13 21.26 -32.67
CA LEU A 72 -1.24 20.74 -31.61
C LEU A 72 -0.49 21.95 -31.04
N SER A 73 -0.85 22.34 -29.83
CA SER A 73 -0.07 23.29 -29.02
C SER A 73 1.37 22.78 -28.88
N GLN A 74 2.30 23.64 -28.51
CA GLN A 74 3.67 23.17 -28.20
C GLN A 74 3.59 22.13 -27.08
N ALA A 75 2.69 22.32 -26.12
CA ALA A 75 2.51 21.33 -25.03
C ALA A 75 2.22 19.94 -25.61
N LEU A 76 1.25 19.86 -26.52
CA LEU A 76 0.91 18.55 -27.13
C LEU A 76 2.08 18.04 -27.97
N LYS A 77 2.79 18.91 -28.69
CA LYS A 77 3.95 18.46 -29.49
C LYS A 77 5.03 17.85 -28.60
N PHE A 78 5.26 18.37 -27.39
CA PHE A 78 6.26 17.77 -26.49
C PHE A 78 5.74 16.44 -25.96
N VAL A 79 4.45 16.36 -25.65
CA VAL A 79 3.84 15.08 -25.16
C VAL A 79 3.86 14.04 -26.29
N ARG A 80 3.77 14.46 -27.54
CA ARG A 80 3.80 13.53 -28.70
C ARG A 80 5.11 12.74 -28.73
N ASP A 81 6.18 13.22 -28.11
CA ASP A 81 7.43 12.44 -28.10
C ASP A 81 7.22 11.08 -27.42
N PHE A 82 6.22 10.93 -26.55
CA PHE A 82 5.90 9.59 -25.98
C PHE A 82 4.44 9.16 -26.21
N ALA A 83 3.50 10.04 -26.52
CA ALA A 83 2.12 9.64 -26.84
C ALA A 83 1.95 9.45 -28.36
N GLY A 84 2.98 9.79 -29.16
CA GLY A 84 3.00 9.49 -30.60
C GLY A 84 1.76 9.97 -31.34
N ASP A 85 1.26 9.13 -32.25
CA ASP A 85 0.04 9.45 -33.01
C ASP A 85 -1.14 8.74 -32.37
N GLY A 86 -1.15 8.67 -31.03
CA GLY A 86 -2.41 8.35 -30.33
C GLY A 86 -3.45 9.44 -30.55
N LEU A 87 -4.66 9.22 -30.09
CA LEU A 87 -5.79 10.11 -30.45
C LEU A 87 -5.53 11.55 -30.02
N PHE A 88 -4.91 11.76 -28.86
CA PHE A 88 -4.82 13.10 -28.24
C PHE A 88 -3.78 13.97 -28.92
N THR A 89 -2.71 13.36 -29.41
CA THR A 89 -1.52 14.07 -29.95
C THR A 89 -1.42 13.94 -31.48
N SER A 90 -2.49 13.50 -32.15
N SER A 90 -2.51 13.52 -32.12
CA SER A 90 -2.50 13.39 -33.62
CA SER A 90 -2.63 13.39 -33.60
C SER A 90 -3.28 14.54 -34.24
C SER A 90 -3.27 14.64 -34.20
N TRP A 91 -2.86 14.96 -35.43
CA TRP A 91 -3.63 15.90 -36.26
C TRP A 91 -4.85 15.18 -36.83
N THR A 92 -5.94 15.89 -37.04
CA THR A 92 -7.21 15.34 -37.57
C THR A 92 -6.97 14.69 -38.93
N HIS A 93 -6.00 15.23 -39.70
CA HIS A 93 -5.72 14.78 -41.07
C HIS A 93 -4.80 13.56 -41.10
N GLU A 94 -4.23 13.14 -39.96
CA GLU A 94 -3.40 11.92 -39.95
C GLU A 94 -4.30 10.68 -40.07
N LYS A 95 -3.92 9.74 -40.91
CA LYS A 95 -4.72 8.51 -41.13
C LYS A 95 -5.02 7.82 -39.78
N ASN A 96 -4.03 7.74 -38.90
CA ASN A 96 -4.20 7.01 -37.62
C ASN A 96 -5.19 7.73 -36.71
N TRP A 97 -5.45 9.02 -36.87
CA TRP A 97 -6.48 9.69 -36.03
C TRP A 97 -7.84 9.09 -36.40
N LYS A 98 -8.26 9.19 -37.66
CA LYS A 98 -9.63 8.78 -38.02
C LYS A 98 -9.77 7.27 -37.80
N LYS A 99 -8.73 6.48 -38.11
CA LYS A 99 -8.81 5.02 -37.91
C LYS A 99 -9.06 4.70 -36.43
N ALA A 100 -8.25 5.26 -35.53
CA ALA A 100 -8.39 4.94 -34.10
C ALA A 100 -9.71 5.52 -33.58
N HIS A 101 -10.09 6.70 -34.05
CA HIS A 101 -11.38 7.31 -33.62
C HIS A 101 -12.51 6.33 -33.96
N ASN A 102 -12.58 5.87 -35.20
CA ASN A 102 -13.69 4.99 -35.62
C ASN A 102 -13.66 3.69 -34.81
N ILE A 103 -12.48 3.15 -34.57
CA ILE A 103 -12.36 1.84 -33.87
C ILE A 103 -12.75 2.01 -32.40
N LEU A 104 -12.33 3.11 -31.78
CA LEU A 104 -12.45 3.23 -30.31
C LEU A 104 -13.76 3.88 -29.89
N LEU A 105 -14.45 4.64 -30.73
CA LEU A 105 -15.70 5.31 -30.27
C LEU A 105 -16.65 4.34 -29.58
N PRO A 106 -16.98 3.17 -30.15
CA PRO A 106 -17.95 2.29 -29.50
C PRO A 106 -17.50 1.77 -28.13
N SER A 107 -16.18 1.73 -27.91
CA SER A 107 -15.59 1.24 -26.63
C SER A 107 -15.72 2.30 -25.53
N PHE A 108 -16.06 3.53 -25.90
CA PHE A 108 -16.08 4.67 -24.95
C PHE A 108 -17.49 5.23 -24.80
N SER A 109 -18.50 4.57 -25.37
CA SER A 109 -19.89 5.06 -25.32
C SER A 109 -20.45 4.91 -23.92
N GLN A 110 -21.53 5.62 -23.64
CA GLN A 110 -22.27 5.41 -22.38
C GLN A 110 -22.63 3.92 -22.20
N GLN A 111 -23.10 3.26 -23.25
N GLN A 111 -23.15 3.29 -23.26
CA GLN A 111 -23.53 1.84 -23.14
CA GLN A 111 -23.52 1.84 -23.25
C GLN A 111 -22.32 0.94 -22.86
C GLN A 111 -22.31 1.01 -22.80
N ALA A 112 -21.12 1.30 -23.33
CA ALA A 112 -19.88 0.54 -23.02
C ALA A 112 -19.56 0.61 -21.53
N MET A 113 -20.02 1.65 -20.84
CA MET A 113 -19.67 1.81 -19.41
C MET A 113 -20.29 0.66 -18.60
N LYS A 114 -21.39 0.05 -19.07
CA LYS A 114 -21.98 -1.11 -18.36
C LYS A 114 -20.93 -2.21 -18.23
N GLY A 115 -20.08 -2.39 -19.24
CA GLY A 115 -19.02 -3.42 -19.25
C GLY A 115 -17.84 -3.09 -18.37
N TYR A 116 -17.52 -1.81 -18.14
CA TYR A 116 -16.37 -1.40 -17.31
C TYR A 116 -16.79 -1.28 -15.84
N HIS A 117 -18.08 -1.22 -15.57
CA HIS A 117 -18.61 -0.85 -14.24
C HIS A 117 -18.01 -1.74 -13.15
N ALA A 118 -18.01 -3.06 -13.34
CA ALA A 118 -17.56 -3.99 -12.27
C ALA A 118 -16.11 -3.68 -11.89
N MET A 119 -15.25 -3.45 -12.89
N MET A 119 -15.22 -3.39 -12.84
CA MET A 119 -13.81 -3.12 -12.71
CA MET A 119 -13.80 -3.16 -12.48
C MET A 119 -13.71 -1.77 -11.96
C MET A 119 -13.62 -1.71 -11.99
N MET A 120 -14.53 -0.79 -12.31
CA MET A 120 -14.49 0.53 -11.64
C MET A 120 -14.88 0.32 -10.17
N VAL A 121 -15.87 -0.54 -9.91
CA VAL A 121 -16.30 -0.83 -8.51
C VAL A 121 -15.14 -1.48 -7.75
N ASP A 122 -14.38 -2.38 -8.37
CA ASP A 122 -13.22 -3.02 -7.73
C ASP A 122 -12.31 -1.95 -7.14
N ILE A 123 -11.93 -0.95 -7.91
CA ILE A 123 -10.98 0.08 -7.42
C ILE A 123 -11.69 1.01 -6.42
N ALA A 124 -12.94 1.38 -6.67
CA ALA A 124 -13.70 2.28 -5.77
C ALA A 124 -13.81 1.61 -4.38
N VAL A 125 -14.03 0.30 -4.33
CA VAL A 125 -14.11 -0.42 -3.04
C VAL A 125 -12.73 -0.36 -2.36
N GLN A 126 -11.63 -0.51 -3.10
CA GLN A 126 -10.29 -0.37 -2.48
C GLN A 126 -10.14 1.01 -1.81
N LEU A 127 -10.65 2.07 -2.44
N LEU A 127 -10.65 2.06 -2.44
CA LEU A 127 -10.54 3.42 -1.85
CA LEU A 127 -10.56 3.44 -1.89
C LEU A 127 -11.38 3.47 -0.57
C LEU A 127 -11.40 3.50 -0.60
N VAL A 128 -12.64 3.03 -0.63
CA VAL A 128 -13.53 3.07 0.55
C VAL A 128 -12.89 2.27 1.69
N GLN A 129 -12.35 1.09 1.40
N GLN A 129 -12.36 1.07 1.40
CA GLN A 129 -11.73 0.22 2.44
CA GLN A 129 -11.75 0.22 2.46
C GLN A 129 -10.50 0.92 3.02
C GLN A 129 -10.52 0.94 3.03
N LYS A 130 -9.70 1.59 2.20
CA LYS A 130 -8.55 2.35 2.72
C LYS A 130 -9.04 3.35 3.77
N TRP A 131 -10.05 4.12 3.42
CA TRP A 131 -10.51 5.19 4.34
C TRP A 131 -11.20 4.59 5.56
N GLU A 132 -11.92 3.48 5.42
CA GLU A 132 -12.55 2.80 6.58
C GLU A 132 -11.47 2.34 7.56
N ARG A 133 -10.27 2.05 7.07
CA ARG A 133 -9.17 1.44 7.87
C ARG A 133 -8.25 2.51 8.46
N LEU A 134 -8.49 3.80 8.23
CA LEU A 134 -7.67 4.82 8.90
C LEU A 134 -8.00 4.86 10.39
N ASN A 135 -6.99 5.15 11.20
CA ASN A 135 -7.15 5.35 12.65
C ASN A 135 -7.67 6.77 12.92
N ALA A 136 -8.17 6.99 14.14
CA ALA A 136 -8.84 8.24 14.57
C ALA A 136 -7.98 9.47 14.27
N ASP A 137 -6.66 9.38 14.45
N ASP A 137 -6.68 9.45 14.55
CA ASP A 137 -5.75 10.57 14.45
CA ASP A 137 -5.84 10.67 14.45
C ASP A 137 -5.38 10.99 13.01
C ASP A 137 -5.18 10.76 13.06
N GLU A 138 -5.84 10.26 12.00
CA GLU A 138 -5.24 10.27 10.65
C GLU A 138 -6.09 11.13 9.71
N HIS A 139 -5.48 11.55 8.62
CA HIS A 139 -6.19 12.31 7.58
C HIS A 139 -5.96 11.68 6.22
N ILE A 140 -6.66 12.25 5.26
CA ILE A 140 -6.66 11.83 3.85
C ILE A 140 -5.94 12.89 3.04
N GLU A 141 -4.99 12.45 2.21
CA GLU A 141 -4.32 13.30 1.20
C GLU A 141 -5.17 13.15 -0.06
N VAL A 142 -5.98 14.14 -0.36
CA VAL A 142 -7.11 13.93 -1.32
C VAL A 142 -6.58 13.70 -2.74
N PRO A 143 -5.80 14.62 -3.36
CA PRO A 143 -5.38 14.38 -4.73
C PRO A 143 -4.58 13.08 -4.86
N GLU A 144 -3.81 12.75 -3.83
CA GLU A 144 -2.97 11.53 -3.86
C GLU A 144 -3.87 10.30 -3.95
N ASP A 145 -4.89 10.21 -3.11
CA ASP A 145 -5.77 9.02 -3.14
C ASP A 145 -6.65 9.03 -4.39
N MET A 146 -7.10 10.20 -4.84
CA MET A 146 -7.94 10.24 -6.05
C MET A 146 -7.12 9.76 -7.25
N THR A 147 -5.82 10.09 -7.27
CA THR A 147 -4.94 9.68 -8.39
C THR A 147 -4.67 8.18 -8.31
N ARG A 148 -4.50 7.64 -7.11
CA ARG A 148 -4.39 6.16 -6.96
C ARG A 148 -5.61 5.53 -7.63
N LEU A 149 -6.78 6.07 -7.34
CA LEU A 149 -8.05 5.49 -7.84
C LEU A 149 -8.12 5.64 -9.36
N THR A 150 -7.90 6.82 -9.90
CA THR A 150 -8.17 7.01 -11.34
C THR A 150 -7.14 6.25 -12.17
N LEU A 151 -5.88 6.28 -11.75
CA LEU A 151 -4.84 5.52 -12.47
C LEU A 151 -5.19 4.05 -12.47
N ASP A 152 -5.51 3.49 -11.31
CA ASP A 152 -5.76 2.04 -11.22
C ASP A 152 -7.00 1.69 -12.06
N THR A 153 -7.99 2.56 -12.11
CA THR A 153 -9.24 2.27 -12.84
C THR A 153 -8.93 2.19 -14.34
N ILE A 154 -8.20 3.15 -14.86
CA ILE A 154 -7.90 3.09 -16.32
C ILE A 154 -6.94 1.92 -16.59
N GLY A 155 -6.01 1.59 -15.70
CA GLY A 155 -5.16 0.42 -15.97
C GLY A 155 -5.97 -0.85 -16.04
N LEU A 156 -6.91 -1.03 -15.12
CA LEU A 156 -7.69 -2.29 -15.04
C LEU A 156 -8.69 -2.35 -16.19
N CYS A 157 -9.45 -1.29 -16.42
CA CYS A 157 -10.48 -1.24 -17.50
C CYS A 157 -9.83 -1.16 -18.87
N GLY A 158 -8.63 -0.59 -18.94
CA GLY A 158 -7.93 -0.33 -20.21
C GLY A 158 -7.25 -1.59 -20.68
N PHE A 159 -6.55 -2.29 -19.79
N PHE A 159 -6.37 -2.18 -19.87
CA PHE A 159 -5.53 -3.26 -20.23
CA PHE A 159 -5.57 -3.35 -20.34
C PHE A 159 -5.50 -4.47 -19.28
C PHE A 159 -5.43 -4.39 -19.21
N ASN A 160 -6.41 -4.51 -18.31
CA ASN A 160 -6.45 -5.57 -17.28
C ASN A 160 -5.10 -5.63 -16.55
N TYR A 161 -4.52 -4.47 -16.26
CA TYR A 161 -3.23 -4.36 -15.56
C TYR A 161 -3.48 -3.68 -14.22
N ARG A 162 -2.98 -4.28 -13.15
CA ARG A 162 -3.17 -3.71 -11.80
C ARG A 162 -1.90 -2.96 -11.42
N PHE A 163 -1.98 -1.64 -11.35
CA PHE A 163 -0.86 -0.81 -10.81
C PHE A 163 -0.77 -1.00 -9.30
N ASN A 164 -1.84 -1.44 -8.66
CA ASN A 164 -1.84 -1.72 -7.20
C ASN A 164 -1.38 -0.48 -6.45
N SER A 165 -1.95 0.67 -6.80
CA SER A 165 -1.54 1.97 -6.22
C SER A 165 -1.90 2.05 -4.73
N PHE A 166 -2.94 1.36 -4.29
CA PHE A 166 -3.33 1.36 -2.86
C PHE A 166 -2.41 0.46 -2.02
N TYR A 167 -1.43 -0.23 -2.63
CA TYR A 167 -0.44 -1.08 -1.91
C TYR A 167 0.91 -0.38 -1.80
N ARG A 168 0.98 0.89 -2.22
CA ARG A 168 2.24 1.63 -2.44
C ARG A 168 2.19 3.03 -1.83
N ASP A 169 3.35 3.46 -1.30
CA ASP A 169 3.72 4.88 -1.07
C ASP A 169 4.29 5.45 -2.38
N GLN A 170 5.34 4.82 -2.92
CA GLN A 170 6.07 5.28 -4.14
C GLN A 170 5.28 4.80 -5.35
N PRO A 171 5.12 5.61 -6.42
CA PRO A 171 4.39 5.15 -7.59
C PRO A 171 5.05 3.88 -8.16
N HIS A 172 4.25 3.04 -8.82
CA HIS A 172 4.72 2.00 -9.76
C HIS A 172 5.80 2.62 -10.66
N PRO A 173 6.91 1.91 -10.99
CA PRO A 173 7.98 2.49 -11.80
C PRO A 173 7.55 3.06 -13.16
N PHE A 174 6.55 2.47 -13.80
CA PHE A 174 5.97 3.02 -15.05
C PHE A 174 5.45 4.43 -14.78
N ILE A 175 4.78 4.63 -13.65
N ILE A 175 4.71 4.61 -13.68
CA ILE A 175 4.12 5.92 -13.29
CA ILE A 175 4.12 5.95 -13.32
C ILE A 175 5.18 6.96 -12.89
C ILE A 175 5.25 6.93 -13.05
N THR A 176 6.30 6.56 -12.29
N THR A 176 6.24 6.55 -12.24
CA THR A 176 7.40 7.51 -11.98
CA THR A 176 7.43 7.42 -11.99
C THR A 176 8.00 7.99 -13.32
C THR A 176 7.89 7.98 -13.34
N SER A 177 8.12 7.09 -14.31
CA SER A 177 8.67 7.44 -15.64
C SER A 177 7.67 8.31 -16.41
N MET A 178 6.38 7.99 -16.35
CA MET A 178 5.33 8.77 -17.05
C MET A 178 5.28 10.19 -16.47
N VAL A 179 5.25 10.30 -15.14
CA VAL A 179 5.14 11.63 -14.48
C VAL A 179 6.39 12.46 -14.81
N ARG A 180 7.57 11.84 -14.77
CA ARG A 180 8.84 12.55 -15.05
C ARG A 180 8.90 12.95 -16.53
N ALA A 181 8.36 12.13 -17.44
CA ALA A 181 8.30 12.48 -18.87
C ALA A 181 7.33 13.65 -19.08
N LEU A 182 6.18 13.63 -18.40
CA LEU A 182 5.20 14.73 -18.48
C LEU A 182 5.80 16.03 -17.91
N ASP A 183 6.52 15.94 -16.79
N ASP A 183 6.51 15.95 -16.77
CA ASP A 183 7.15 17.13 -16.15
CA ASP A 183 7.17 17.10 -16.13
C ASP A 183 8.18 17.74 -17.09
C ASP A 183 8.16 17.73 -17.13
N GLU A 184 8.97 16.89 -17.77
CA GLU A 184 10.00 17.34 -18.75
C GLU A 184 9.29 18.02 -19.92
N ALA A 185 8.24 17.40 -20.46
CA ALA A 185 7.44 17.99 -21.56
C ALA A 185 6.98 19.40 -21.15
N MET A 186 6.41 19.56 -19.95
CA MET A 186 5.86 20.86 -19.51
C MET A 186 7.01 21.85 -19.24
N ASN A 187 8.11 21.38 -18.65
CA ASN A 187 9.29 22.22 -18.33
C ASN A 187 9.88 22.80 -19.61
N LYS A 188 9.81 22.06 -20.73
CA LYS A 188 10.42 22.48 -22.01
C LYS A 188 9.69 23.71 -22.58
N LEU A 189 8.45 23.97 -22.14
CA LEU A 189 7.66 25.14 -22.63
C LEU A 189 8.31 26.47 -22.23
N GLN A 190 9.00 26.52 -21.10
CA GLN A 190 9.65 27.78 -20.65
C GLN A 190 11.16 27.56 -20.48
N ARG A 191 11.75 26.69 -21.30
CA ARG A 191 13.22 26.42 -21.35
C ARG A 191 13.81 27.11 -22.59
N ALA A 192 14.43 28.28 -22.40
CA ALA A 192 15.27 28.94 -23.43
C ALA A 192 16.55 28.13 -23.61
N ASN A 193 17.01 27.99 -24.86
CA ASN A 193 18.27 27.29 -25.24
C ASN A 193 18.20 25.82 -24.85
N PRO A 194 17.18 25.06 -25.32
CA PRO A 194 17.03 23.66 -24.95
C PRO A 194 18.15 22.73 -25.46
N ASP A 195 18.99 23.21 -26.38
CA ASP A 195 20.11 22.40 -26.96
C ASP A 195 21.43 22.79 -26.28
N ASP A 196 21.39 23.64 -25.25
CA ASP A 196 22.50 23.88 -24.30
C ASP A 196 22.90 22.51 -23.74
N PRO A 197 24.20 22.10 -23.80
CA PRO A 197 24.62 20.81 -23.25
C PRO A 197 24.22 20.60 -21.77
N ALA A 198 23.87 21.69 -21.06
CA ALA A 198 23.41 21.70 -19.66
C ALA A 198 22.17 20.81 -19.52
N TYR A 199 21.45 20.60 -20.63
CA TYR A 199 20.20 19.81 -20.66
C TYR A 199 20.45 18.39 -21.16
N ASP A 200 21.71 17.98 -21.34
CA ASP A 200 22.05 16.59 -21.79
C ASP A 200 21.49 15.57 -20.81
N GLU A 201 21.57 15.85 -19.50
CA GLU A 201 21.06 14.97 -18.40
C GLU A 201 19.53 14.83 -18.51
N ASN A 202 18.84 15.94 -18.79
CA ASN A 202 17.37 15.95 -18.98
C ASN A 202 17.02 15.03 -20.16
N LYS A 203 17.78 15.12 -21.25
CA LYS A 203 17.50 14.37 -22.51
C LYS A 203 17.76 12.87 -22.29
N ARG A 204 18.87 12.51 -21.66
CA ARG A 204 19.17 11.08 -21.30
C ARG A 204 18.01 10.51 -20.48
N GLN A 205 17.58 11.24 -19.45
CA GLN A 205 16.52 10.80 -18.51
C GLN A 205 15.22 10.65 -19.29
N PHE A 206 14.92 11.61 -20.16
CA PHE A 206 13.67 11.62 -20.96
C PHE A 206 13.62 10.34 -21.81
N GLN A 207 14.72 9.99 -22.49
CA GLN A 207 14.79 8.78 -23.35
C GLN A 207 14.63 7.51 -22.48
N GLU A 208 15.28 7.45 -21.30
CA GLU A 208 15.15 6.30 -20.38
C GLU A 208 13.67 6.13 -19.99
N ASP A 209 12.99 7.25 -19.68
CA ASP A 209 11.58 7.24 -19.21
C ASP A 209 10.66 6.77 -20.35
N ILE A 210 10.92 7.20 -21.58
CA ILE A 210 10.15 6.73 -22.78
C ILE A 210 10.38 5.21 -22.94
N LYS A 211 11.63 4.75 -22.77
CA LYS A 211 11.96 3.30 -22.87
C LYS A 211 11.18 2.52 -21.81
N VAL A 212 11.11 3.02 -20.57
CA VAL A 212 10.38 2.32 -19.48
C VAL A 212 8.92 2.17 -19.92
N MET A 213 8.32 3.25 -20.43
CA MET A 213 6.88 3.24 -20.78
C MET A 213 6.64 2.27 -21.94
N ASN A 214 7.46 2.36 -22.99
CA ASN A 214 7.27 1.53 -24.20
C ASN A 214 7.47 0.05 -23.85
N ASP A 215 8.46 -0.24 -23.01
CA ASP A 215 8.83 -1.64 -22.69
C ASP A 215 7.64 -2.32 -22.00
N LEU A 216 7.02 -1.64 -21.02
CA LEU A 216 5.91 -2.28 -20.26
C LEU A 216 4.71 -2.43 -21.19
N VAL A 217 4.35 -1.36 -21.91
CA VAL A 217 3.13 -1.38 -22.74
C VAL A 217 3.34 -2.37 -23.92
N ASP A 218 4.52 -2.39 -24.54
CA ASP A 218 4.77 -3.33 -25.66
C ASP A 218 4.70 -4.76 -25.15
N LYS A 219 5.21 -5.00 -23.93
CA LYS A 219 5.17 -6.35 -23.30
C LYS A 219 3.72 -6.76 -23.06
N ILE A 220 2.90 -5.87 -22.50
N ILE A 220 2.92 -5.85 -22.49
CA ILE A 220 1.46 -6.16 -22.20
CA ILE A 220 1.47 -6.07 -22.19
C ILE A 220 0.75 -6.51 -23.52
C ILE A 220 0.76 -6.49 -23.49
N ILE A 221 1.02 -5.77 -24.59
CA ILE A 221 0.35 -6.04 -25.89
C ILE A 221 0.82 -7.42 -26.40
N ALA A 222 2.13 -7.66 -26.40
CA ALA A 222 2.72 -8.93 -26.88
C ALA A 222 2.16 -10.08 -26.03
N ASP A 223 2.13 -9.92 -24.71
CA ASP A 223 1.63 -10.96 -23.77
C ASP A 223 0.18 -11.31 -24.14
N ARG A 224 -0.65 -10.28 -24.37
CA ARG A 224 -2.09 -10.49 -24.69
C ARG A 224 -2.22 -11.21 -26.02
N LYS A 225 -1.46 -10.80 -27.03
CA LYS A 225 -1.47 -11.50 -28.34
C LYS A 225 -1.00 -12.96 -28.16
N ALA A 226 -0.01 -13.22 -27.30
CA ALA A 226 0.57 -14.56 -27.07
C ALA A 226 -0.42 -15.46 -26.31
N SER A 227 -1.40 -14.91 -25.59
CA SER A 227 -2.32 -15.73 -24.75
C SER A 227 -3.63 -16.04 -25.49
N GLY A 228 -4.08 -15.14 -26.38
CA GLY A 228 -5.39 -15.21 -27.05
C GLY A 228 -6.56 -14.88 -26.13
N GLU A 229 -6.28 -14.44 -24.90
CA GLU A 229 -7.30 -14.14 -23.87
C GLU A 229 -8.21 -13.00 -24.39
N GLN A 230 -9.53 -13.19 -24.28
CA GLN A 230 -10.56 -12.16 -24.55
C GLN A 230 -11.03 -11.61 -23.20
N SER A 231 -10.81 -10.32 -22.93
N SER A 231 -10.83 -10.30 -22.99
CA SER A 231 -11.14 -9.65 -21.66
CA SER A 231 -11.07 -9.58 -21.72
C SER A 231 -12.09 -8.47 -21.92
C SER A 231 -12.20 -8.55 -21.91
N ASP A 232 -12.55 -7.82 -20.85
CA ASP A 232 -13.55 -6.71 -20.90
C ASP A 232 -12.83 -5.36 -21.07
N ASP A 233 -11.70 -5.33 -21.79
CA ASP A 233 -10.84 -4.13 -21.75
C ASP A 233 -10.61 -3.52 -23.15
N LEU A 234 -10.10 -2.31 -23.14
CA LEU A 234 -9.84 -1.57 -24.39
C LEU A 234 -8.80 -2.30 -25.23
N LEU A 235 -7.85 -2.98 -24.62
CA LEU A 235 -6.79 -3.67 -25.41
C LEU A 235 -7.43 -4.77 -26.26
N THR A 236 -8.38 -5.55 -25.73
CA THR A 236 -9.14 -6.56 -26.52
C THR A 236 -9.80 -5.85 -27.71
N HIS A 237 -10.49 -4.75 -27.44
CA HIS A 237 -11.22 -4.00 -28.50
C HIS A 237 -10.23 -3.56 -29.58
N MET A 238 -9.03 -3.08 -29.22
CA MET A 238 -8.02 -2.57 -30.20
C MET A 238 -7.36 -3.72 -30.96
N LEU A 239 -7.14 -4.86 -30.33
CA LEU A 239 -6.52 -6.00 -31.04
C LEU A 239 -7.49 -6.60 -32.07
N ASN A 240 -8.80 -6.51 -31.81
N ASN A 240 -8.81 -6.57 -31.85
CA ASN A 240 -9.84 -7.19 -32.62
CA ASN A 240 -9.76 -7.25 -32.77
C ASN A 240 -10.44 -6.22 -33.65
C ASN A 240 -10.71 -6.24 -33.46
N GLY A 241 -10.46 -4.93 -33.32
CA GLY A 241 -11.24 -3.92 -34.04
C GLY A 241 -10.75 -3.70 -35.45
N LYS A 242 -11.68 -3.38 -36.35
CA LYS A 242 -11.34 -2.93 -37.71
C LYS A 242 -12.08 -1.62 -37.96
N ASP A 243 -11.37 -0.67 -38.55
CA ASP A 243 -11.96 0.63 -38.95
C ASP A 243 -12.95 0.35 -40.06
N PRO A 244 -14.26 0.66 -39.94
CA PRO A 244 -15.18 0.43 -41.06
C PRO A 244 -14.80 1.16 -42.36
N GLU A 245 -14.16 2.34 -42.27
N GLU A 245 -14.14 2.32 -42.25
CA GLU A 245 -13.82 3.14 -43.47
CA GLU A 245 -13.80 3.16 -43.44
C GLU A 245 -12.69 2.45 -44.25
C GLU A 245 -12.68 2.49 -44.24
N THR A 246 -11.49 2.34 -43.64
CA THR A 246 -10.29 1.77 -44.31
C THR A 246 -10.38 0.24 -44.35
N GLY A 247 -11.10 -0.36 -43.41
CA GLY A 247 -11.13 -1.82 -43.21
C GLY A 247 -9.90 -2.33 -42.49
N GLU A 248 -9.06 -1.43 -41.98
CA GLU A 248 -7.77 -1.81 -41.37
C GLU A 248 -7.90 -1.84 -39.85
N PRO A 249 -7.11 -2.68 -39.17
CA PRO A 249 -6.93 -2.57 -37.72
C PRO A 249 -5.80 -1.58 -37.39
N LEU A 250 -5.71 -1.24 -36.11
CA LEU A 250 -4.54 -0.49 -35.57
C LEU A 250 -3.36 -1.46 -35.53
N ASP A 251 -2.18 -0.93 -35.83
CA ASP A 251 -0.94 -1.72 -35.63
C ASP A 251 -0.48 -1.64 -34.17
N ASP A 252 0.43 -2.52 -33.77
CA ASP A 252 0.80 -2.66 -32.35
C ASP A 252 1.45 -1.36 -31.84
N GLU A 253 2.21 -0.65 -32.67
CA GLU A 253 2.84 0.63 -32.23
C GLU A 253 1.75 1.63 -31.87
N ASN A 254 0.74 1.78 -32.73
CA ASN A 254 -0.34 2.75 -32.48
C ASN A 254 -1.14 2.30 -31.23
N ILE A 255 -1.38 1.01 -31.06
CA ILE A 255 -2.07 0.52 -29.84
C ILE A 255 -1.27 0.98 -28.61
N ARG A 256 0.06 0.83 -28.64
CA ARG A 256 0.89 1.28 -27.50
C ARG A 256 0.64 2.78 -27.23
N TYR A 257 0.67 3.60 -28.28
CA TYR A 257 0.43 5.04 -28.09
C TYR A 257 -0.97 5.28 -27.50
N GLN A 258 -1.98 4.53 -27.91
CA GLN A 258 -3.34 4.72 -27.34
C GLN A 258 -3.30 4.39 -25.86
N ILE A 259 -2.64 3.30 -25.47
CA ILE A 259 -2.61 2.91 -24.03
C ILE A 259 -1.88 4.00 -23.24
N ILE A 260 -0.74 4.46 -23.71
CA ILE A 260 -0.01 5.53 -22.98
C ILE A 260 -0.91 6.76 -22.86
N THR A 261 -1.62 7.10 -23.93
CA THR A 261 -2.53 8.25 -23.96
C THR A 261 -3.62 8.11 -22.89
N PHE A 262 -4.26 6.95 -22.79
CA PHE A 262 -5.33 6.74 -21.80
C PHE A 262 -4.77 6.83 -20.38
N LEU A 263 -3.55 6.32 -20.16
CA LEU A 263 -2.95 6.31 -18.80
C LEU A 263 -2.62 7.74 -18.38
N ILE A 264 -2.18 8.58 -19.32
CA ILE A 264 -1.94 10.01 -19.01
C ILE A 264 -3.27 10.61 -18.57
N ALA A 265 -4.30 10.39 -19.36
CA ALA A 265 -5.64 11.02 -19.15
C ALA A 265 -6.25 10.57 -17.84
N GLY A 266 -6.12 9.28 -17.52
CA GLY A 266 -6.79 8.71 -16.33
C GLY A 266 -6.04 8.99 -15.03
N HIS A 267 -4.85 9.61 -15.09
N HIS A 267 -4.87 9.62 -15.11
CA HIS A 267 -3.93 9.86 -13.95
CA HIS A 267 -4.04 10.05 -13.96
C HIS A 267 -4.03 11.34 -13.55
C HIS A 267 -4.67 11.33 -13.38
N GLU A 268 -4.51 12.19 -14.47
N GLU A 268 -3.84 12.36 -13.19
CA GLU A 268 -4.37 13.66 -14.38
CA GLU A 268 -4.26 13.57 -12.43
C GLU A 268 -5.73 14.34 -14.16
C GLU A 268 -5.27 14.41 -13.21
N THR A 269 -6.50 14.41 -15.23
N THR A 269 -5.29 14.34 -14.53
CA THR A 269 -7.72 15.24 -15.36
CA THR A 269 -6.34 15.03 -15.30
C THR A 269 -8.80 14.69 -14.44
C THR A 269 -7.71 14.56 -14.79
N THR A 270 -8.97 13.36 -14.46
N THR A 270 -7.92 13.27 -14.57
CA THR A 270 -10.06 12.73 -13.69
CA THR A 270 -9.25 12.76 -14.11
C THR A 270 -9.69 12.85 -12.22
C THR A 270 -9.44 12.96 -12.58
N SER A 271 -8.42 12.63 -11.80
CA SER A 271 -8.32 12.72 -10.33
C SER A 271 -8.51 14.18 -9.89
N GLY A 272 -8.11 15.15 -10.71
CA GLY A 272 -8.34 16.56 -10.36
C GLY A 272 -9.81 16.87 -10.26
N LEU A 273 -10.64 16.34 -11.15
CA LEU A 273 -12.11 16.55 -11.05
C LEU A 273 -12.61 16.10 -9.66
N LEU A 274 -12.24 14.90 -9.25
CA LEU A 274 -12.70 14.40 -7.94
C LEU A 274 -12.14 15.27 -6.81
N SER A 275 -10.87 15.66 -6.90
CA SER A 275 -10.24 16.50 -5.85
C SER A 275 -10.96 17.84 -5.73
N PHE A 276 -11.22 18.50 -6.84
CA PHE A 276 -11.92 19.81 -6.82
C PHE A 276 -13.36 19.60 -6.34
N ALA A 277 -14.01 18.53 -6.79
CA ALA A 277 -15.41 18.27 -6.34
C ALA A 277 -15.43 18.14 -4.81
N LEU A 278 -14.54 17.34 -4.24
CA LEU A 278 -14.55 17.21 -2.77
C LEU A 278 -14.18 18.54 -2.09
N TYR A 279 -13.25 19.31 -2.65
CA TYR A 279 -12.89 20.64 -2.12
C TYR A 279 -14.17 21.48 -2.06
N PHE A 280 -14.89 21.59 -3.18
CA PHE A 280 -16.08 22.46 -3.20
C PHE A 280 -17.14 21.91 -2.25
N LEU A 281 -17.31 20.60 -2.13
CA LEU A 281 -18.31 20.04 -1.20
C LEU A 281 -17.96 20.40 0.24
N VAL A 282 -16.71 20.25 0.67
CA VAL A 282 -16.42 20.54 2.10
C VAL A 282 -16.50 22.04 2.35
N LYS A 283 -16.29 22.88 1.34
CA LYS A 283 -16.42 24.35 1.50
C LYS A 283 -17.88 24.80 1.42
N ASN A 284 -18.81 23.93 1.03
CA ASN A 284 -20.23 24.28 0.83
C ASN A 284 -21.08 23.21 1.51
N PRO A 285 -21.16 23.20 2.85
CA PRO A 285 -21.81 22.11 3.57
C PRO A 285 -23.26 21.81 3.18
N HIS A 286 -24.01 22.83 2.77
CA HIS A 286 -25.42 22.59 2.35
C HIS A 286 -25.45 21.78 1.05
N VAL A 287 -24.49 22.02 0.17
CA VAL A 287 -24.36 21.24 -1.09
C VAL A 287 -23.93 19.81 -0.74
N LEU A 288 -22.95 19.67 0.14
N LEU A 288 -22.95 19.65 0.15
CA LEU A 288 -22.47 18.35 0.62
CA LEU A 288 -22.50 18.31 0.57
C LEU A 288 -23.68 17.57 1.18
C LEU A 288 -23.70 17.56 1.16
N GLN A 289 -24.50 18.20 2.02
CA GLN A 289 -25.65 17.51 2.63
C GLN A 289 -26.63 17.04 1.56
N LYS A 290 -26.93 17.88 0.56
CA LYS A 290 -27.88 17.50 -0.50
C LYS A 290 -27.30 16.32 -1.30
N ALA A 291 -26.00 16.35 -1.60
CA ALA A 291 -25.37 15.26 -2.36
C ALA A 291 -25.35 13.98 -1.52
N ALA A 292 -25.10 14.09 -0.22
CA ALA A 292 -25.06 12.92 0.69
C ALA A 292 -26.45 12.31 0.82
N GLU A 293 -27.49 13.15 0.83
CA GLU A 293 -28.88 12.66 0.92
C GLU A 293 -29.22 11.87 -0.34
N GLU A 294 -28.77 12.34 -1.50
CA GLU A 294 -29.02 11.61 -2.76
C GLU A 294 -28.28 10.27 -2.70
N ALA A 295 -27.03 10.25 -2.29
CA ALA A 295 -26.22 9.01 -2.25
C ALA A 295 -26.92 8.01 -1.33
N ALA A 296 -27.38 8.44 -0.16
CA ALA A 296 -28.06 7.53 0.79
C ALA A 296 -29.36 7.00 0.19
N ARG A 297 -30.12 7.83 -0.53
CA ARG A 297 -31.43 7.42 -1.11
C ARG A 297 -31.21 6.40 -2.24
N VAL A 298 -30.20 6.62 -3.07
CA VAL A 298 -30.03 5.86 -4.34
C VAL A 298 -29.21 4.59 -4.09
N LEU A 299 -28.11 4.68 -3.35
CA LEU A 299 -27.12 3.57 -3.25
C LEU A 299 -27.56 2.63 -2.12
N VAL A 300 -28.63 1.88 -2.37
CA VAL A 300 -29.33 1.06 -1.33
C VAL A 300 -28.68 -0.33 -1.22
N ASP A 301 -27.70 -0.64 -2.07
CA ASP A 301 -27.05 -1.99 -2.08
C ASP A 301 -25.60 -1.88 -1.63
N PRO A 302 -25.00 -3.01 -1.21
CA PRO A 302 -23.61 -2.99 -0.75
C PRO A 302 -22.61 -2.39 -1.72
N VAL A 303 -22.77 -2.65 -3.02
CA VAL A 303 -21.99 -1.87 -4.03
C VAL A 303 -22.95 -1.37 -5.09
N PRO A 304 -22.64 -0.20 -5.67
CA PRO A 304 -23.52 0.41 -6.64
C PRO A 304 -23.63 -0.41 -7.93
N SER A 305 -24.83 -0.41 -8.49
CA SER A 305 -25.09 -0.92 -9.86
C SER A 305 -24.86 0.20 -10.87
N TYR A 306 -24.69 -0.17 -12.14
CA TYR A 306 -24.60 0.80 -13.25
C TYR A 306 -25.80 1.75 -13.22
N LYS A 307 -27.00 1.19 -13.09
CA LYS A 307 -28.24 2.00 -13.14
C LYS A 307 -28.27 2.98 -11.94
N GLN A 308 -27.81 2.56 -10.77
CA GLN A 308 -27.81 3.45 -9.58
C GLN A 308 -26.88 4.63 -9.83
N VAL A 309 -25.72 4.42 -10.45
CA VAL A 309 -24.80 5.54 -10.76
C VAL A 309 -25.51 6.54 -11.68
N LYS A 310 -26.27 6.04 -12.65
CA LYS A 310 -27.02 6.92 -13.56
C LYS A 310 -28.08 7.73 -12.82
N GLN A 311 -28.56 7.27 -11.66
N GLN A 311 -28.55 7.23 -11.67
CA GLN A 311 -29.62 7.99 -10.91
CA GLN A 311 -29.60 7.86 -10.82
C GLN A 311 -29.01 8.95 -9.87
C GLN A 311 -29.01 8.99 -9.97
N LEU A 312 -27.68 9.09 -9.85
CA LEU A 312 -27.03 10.10 -8.97
C LEU A 312 -26.99 11.45 -9.70
N LYS A 313 -28.16 12.02 -9.95
CA LYS A 313 -28.30 13.23 -10.81
C LYS A 313 -27.61 14.41 -10.13
N TYR A 314 -27.85 14.63 -8.83
CA TYR A 314 -27.24 15.78 -8.14
C TYR A 314 -25.71 15.59 -8.06
N VAL A 315 -25.24 14.37 -7.83
CA VAL A 315 -23.78 14.15 -7.86
C VAL A 315 -23.23 14.54 -9.24
N GLY A 316 -23.93 14.19 -10.32
CA GLY A 316 -23.49 14.61 -11.66
C GLY A 316 -23.45 16.13 -11.80
N MET A 317 -24.42 16.83 -11.21
CA MET A 317 -24.43 18.31 -11.24
C MET A 317 -23.25 18.89 -10.44
N VAL A 318 -22.92 18.28 -9.31
CA VAL A 318 -21.74 18.67 -8.51
C VAL A 318 -20.49 18.55 -9.36
N LEU A 319 -20.38 17.45 -10.11
CA LEU A 319 -19.19 17.25 -10.95
C LEU A 319 -19.15 18.29 -12.07
N ASN A 320 -20.28 18.57 -12.70
CA ASN A 320 -20.32 19.59 -13.76
C ASN A 320 -19.95 20.96 -13.20
N GLU A 321 -20.34 21.26 -11.97
CA GLU A 321 -20.05 22.58 -11.38
C GLU A 321 -18.56 22.64 -11.00
N ALA A 322 -17.94 21.53 -10.60
CA ALA A 322 -16.48 21.53 -10.41
C ALA A 322 -15.77 21.71 -11.76
N LEU A 323 -16.25 21.06 -12.81
CA LEU A 323 -15.67 21.22 -14.16
C LEU A 323 -15.86 22.65 -14.65
N ARG A 324 -16.94 23.30 -14.20
CA ARG A 324 -17.16 24.69 -14.65
C ARG A 324 -16.05 25.55 -14.05
N LEU A 325 -15.84 25.48 -12.74
CA LEU A 325 -14.90 26.41 -12.07
C LEU A 325 -13.44 26.05 -12.34
N TRP A 326 -13.06 24.77 -12.30
CA TRP A 326 -11.65 24.39 -12.45
C TRP A 326 -11.56 23.19 -13.38
N PRO A 327 -11.84 23.41 -14.69
CA PRO A 327 -11.70 22.33 -15.66
C PRO A 327 -10.22 21.88 -15.69
N THR A 328 -9.99 20.57 -15.58
CA THR A 328 -8.62 20.05 -15.30
C THR A 328 -7.81 19.82 -16.59
N ALA A 329 -8.38 20.07 -17.76
CA ALA A 329 -7.60 20.18 -19.01
C ALA A 329 -7.90 21.58 -19.55
N PRO A 330 -7.30 22.62 -18.97
CA PRO A 330 -7.91 23.96 -19.02
C PRO A 330 -7.83 24.77 -20.32
N ALA A 331 -7.15 24.26 -21.34
CA ALA A 331 -7.06 24.99 -22.61
C ALA A 331 -6.93 24.00 -23.75
N PHE A 332 -7.39 24.42 -24.91
CA PHE A 332 -7.10 23.69 -26.15
C PHE A 332 -6.88 24.69 -27.27
N SER A 333 -6.25 24.22 -28.33
CA SER A 333 -5.71 25.06 -29.42
C SER A 333 -6.42 24.72 -30.73
N LEU A 334 -6.64 25.73 -31.55
CA LEU A 334 -7.32 25.60 -32.86
C LEU A 334 -6.53 26.36 -33.90
N TYR A 335 -6.70 25.99 -35.16
CA TYR A 335 -6.17 26.80 -36.29
C TYR A 335 -7.31 27.06 -37.27
N ALA A 336 -7.22 28.22 -37.94
CA ALA A 336 -8.18 28.63 -38.98
C ALA A 336 -7.93 27.80 -40.25
N LYS A 337 -8.97 27.12 -40.72
CA LYS A 337 -8.86 26.28 -41.94
C LYS A 337 -8.74 27.16 -43.18
N GLU A 338 -9.30 28.36 -43.12
CA GLU A 338 -9.31 29.34 -44.23
C GLU A 338 -9.30 30.74 -43.63
N ASP A 339 -9.02 31.75 -44.43
CA ASP A 339 -9.22 33.15 -43.98
C ASP A 339 -10.67 33.30 -43.50
N THR A 340 -10.89 34.03 -42.42
CA THR A 340 -12.25 34.17 -41.84
C THR A 340 -12.24 35.37 -40.90
N VAL A 341 -13.43 35.85 -40.55
CA VAL A 341 -13.57 36.95 -39.58
C VAL A 341 -14.24 36.37 -38.34
N LEU A 342 -13.59 36.54 -37.20
CA LEU A 342 -14.11 36.06 -35.91
C LEU A 342 -14.96 37.18 -35.29
N GLY A 343 -16.22 36.88 -34.99
CA GLY A 343 -17.12 37.77 -34.22
C GLY A 343 -17.42 39.07 -34.95
N GLY A 344 -17.27 39.08 -36.28
CA GLY A 344 -17.53 40.28 -37.09
C GLY A 344 -16.48 41.37 -36.92
N GLU A 345 -15.41 41.10 -36.16
CA GLU A 345 -14.48 42.15 -35.65
C GLU A 345 -13.00 41.79 -35.89
N TYR A 346 -12.64 40.51 -35.88
CA TYR A 346 -11.22 40.08 -35.84
C TYR A 346 -10.89 39.23 -37.07
N PRO A 347 -10.31 39.83 -38.13
CA PRO A 347 -9.90 39.07 -39.30
C PRO A 347 -8.76 38.09 -38.96
N LEU A 348 -8.92 36.86 -39.43
CA LEU A 348 -7.88 35.81 -39.28
C LEU A 348 -7.50 35.32 -40.66
N GLU A 349 -6.23 34.97 -40.81
CA GLU A 349 -5.72 34.29 -42.02
C GLU A 349 -5.71 32.79 -41.78
N LYS A 350 -5.86 32.04 -42.86
CA LYS A 350 -5.64 30.59 -42.87
C LYS A 350 -4.38 30.29 -42.05
N GLY A 351 -4.50 29.34 -41.12
CA GLY A 351 -3.37 28.85 -40.29
C GLY A 351 -3.27 29.58 -38.97
N ASP A 352 -3.94 30.72 -38.80
CA ASP A 352 -3.83 31.51 -37.56
C ASP A 352 -4.37 30.67 -36.39
N GLU A 353 -3.70 30.76 -35.25
CA GLU A 353 -4.01 29.91 -34.09
CA GLU A 353 -3.99 29.92 -34.07
C GLU A 353 -4.83 30.67 -33.05
N LEU A 354 -5.71 29.93 -32.38
CA LEU A 354 -6.53 30.38 -31.25
C LEU A 354 -6.25 29.42 -30.09
N MET A 355 -6.29 29.95 -28.87
N MET A 355 -6.32 29.94 -28.88
CA MET A 355 -6.31 29.16 -27.62
CA MET A 355 -6.32 29.14 -27.64
C MET A 355 -7.64 29.45 -26.92
C MET A 355 -7.61 29.44 -26.88
N VAL A 356 -8.36 28.40 -26.53
CA VAL A 356 -9.59 28.52 -25.73
C VAL A 356 -9.19 28.40 -24.26
N LEU A 357 -9.41 29.48 -23.50
CA LEU A 357 -9.08 29.50 -22.06
C LEU A 357 -10.34 29.07 -21.29
N ILE A 358 -10.48 27.78 -21.03
CA ILE A 358 -11.76 27.19 -20.59
C ILE A 358 -12.20 27.78 -19.24
N PRO A 359 -11.32 27.92 -18.20
CA PRO A 359 -11.81 28.43 -16.92
C PRO A 359 -12.40 29.85 -17.07
N GLN A 360 -11.87 30.62 -18.01
CA GLN A 360 -12.35 32.01 -18.22
C GLN A 360 -13.68 31.98 -19.00
N LEU A 361 -13.80 31.12 -20.02
CA LEU A 361 -15.11 30.90 -20.69
C LEU A 361 -16.17 30.61 -19.63
N HIS A 362 -15.84 29.74 -18.69
CA HIS A 362 -16.79 29.26 -17.66
C HIS A 362 -17.13 30.33 -16.60
N ARG A 363 -16.51 31.51 -16.72
CA ARG A 363 -16.78 32.68 -15.85
C ARG A 363 -17.42 33.81 -16.66
N ASP A 364 -17.93 33.51 -17.85
CA ASP A 364 -18.61 34.54 -18.68
C ASP A 364 -19.94 34.91 -18.01
N LYS A 365 -20.01 36.13 -17.47
CA LYS A 365 -21.21 36.56 -16.72
C LYS A 365 -22.43 36.70 -17.64
N THR A 366 -22.22 36.89 -18.94
CA THR A 366 -23.36 36.97 -19.90
C THR A 366 -24.08 35.62 -19.98
N ILE A 367 -23.40 34.53 -19.64
CA ILE A 367 -23.99 33.16 -19.64
C ILE A 367 -24.50 32.81 -18.25
N TRP A 368 -23.65 32.93 -17.24
CA TRP A 368 -23.90 32.27 -15.93
C TRP A 368 -24.51 33.24 -14.94
N GLY A 369 -24.45 34.55 -15.21
CA GLY A 369 -24.95 35.58 -14.29
C GLY A 369 -23.85 36.07 -13.39
N ASP A 370 -24.20 36.93 -12.43
CA ASP A 370 -23.20 37.67 -11.62
C ASP A 370 -22.48 36.71 -10.67
N ASP A 371 -23.14 35.63 -10.24
CA ASP A 371 -22.67 34.72 -9.16
C ASP A 371 -21.64 33.70 -9.69
N VAL A 372 -20.82 34.06 -10.70
CA VAL A 372 -19.98 33.07 -11.46
C VAL A 372 -18.98 32.38 -10.54
N GLU A 373 -18.55 32.98 -9.43
CA GLU A 373 -17.52 32.37 -8.57
C GLU A 373 -18.14 31.41 -7.53
N GLU A 374 -19.46 31.45 -7.37
N GLU A 374 -19.47 31.43 -7.39
CA GLU A 374 -20.19 30.59 -6.39
CA GLU A 374 -20.20 30.61 -6.39
C GLU A 374 -20.26 29.17 -6.94
C GLU A 374 -20.37 29.17 -6.91
N PHE A 375 -20.16 28.20 -6.04
CA PHE A 375 -20.35 26.76 -6.33
C PHE A 375 -21.83 26.43 -6.13
N ARG A 376 -22.56 26.30 -7.24
CA ARG A 376 -24.03 26.13 -7.25
C ARG A 376 -24.39 25.08 -8.28
N PRO A 377 -24.39 23.80 -7.89
CA PRO A 377 -24.64 22.73 -8.87
C PRO A 377 -26.00 22.89 -9.56
N GLU A 378 -26.93 23.56 -8.92
CA GLU A 378 -28.31 23.73 -9.43
C GLU A 378 -28.29 24.53 -10.73
N ARG A 379 -27.19 25.22 -11.04
CA ARG A 379 -27.03 25.89 -12.36
C ARG A 379 -27.21 24.89 -13.50
N PHE A 380 -27.00 23.60 -13.23
CA PHE A 380 -27.03 22.54 -14.27
C PHE A 380 -28.35 21.77 -14.24
N GLU A 381 -29.37 22.29 -13.56
CA GLU A 381 -30.69 21.62 -13.46
C GLU A 381 -31.40 21.57 -14.82
N ASN A 382 -31.10 22.53 -15.68
N ASN A 382 -31.28 22.61 -15.65
CA ASN A 382 -31.89 22.82 -16.92
CA ASN A 382 -31.94 22.68 -16.97
C ASN A 382 -30.92 23.04 -18.07
C ASN A 382 -30.90 23.03 -18.02
N PRO A 383 -30.12 22.04 -18.47
CA PRO A 383 -29.01 22.31 -19.38
C PRO A 383 -29.44 22.79 -20.77
N SER A 384 -30.69 22.57 -21.17
CA SER A 384 -31.20 23.11 -22.45
C SER A 384 -31.13 24.64 -22.43
N ALA A 385 -31.12 25.26 -21.26
CA ALA A 385 -31.08 26.74 -21.15
C ALA A 385 -29.68 27.28 -21.43
N ILE A 386 -28.65 26.42 -21.47
CA ILE A 386 -27.25 26.89 -21.67
C ILE A 386 -27.03 27.17 -23.16
N PRO A 387 -26.63 28.39 -23.57
CA PRO A 387 -26.33 28.65 -24.98
C PRO A 387 -25.22 27.76 -25.55
N GLN A 388 -25.15 27.69 -26.87
CA GLN A 388 -24.19 26.80 -27.53
C GLN A 388 -22.76 27.13 -27.09
N HIS A 389 -22.01 26.08 -26.81
CA HIS A 389 -20.54 26.19 -26.60
C HIS A 389 -20.18 27.01 -25.38
N ALA A 390 -21.09 27.13 -24.42
CA ALA A 390 -20.78 27.87 -23.17
C ALA A 390 -19.97 27.02 -22.20
N PHE A 391 -20.06 25.70 -22.29
CA PHE A 391 -19.52 24.77 -21.28
C PHE A 391 -18.70 23.72 -22.03
N LYS A 392 -17.38 23.84 -21.94
CA LYS A 392 -16.49 23.05 -22.82
C LYS A 392 -15.37 22.33 -22.06
N PRO A 393 -15.63 21.70 -20.90
CA PRO A 393 -14.53 21.04 -20.20
C PRO A 393 -13.93 19.84 -20.92
N PHE A 394 -14.66 19.28 -21.88
CA PHE A 394 -14.21 18.10 -22.66
C PHE A 394 -13.87 18.48 -24.10
N GLY A 395 -13.61 19.75 -24.36
CA GLY A 395 -13.18 20.16 -25.71
C GLY A 395 -14.35 20.22 -26.67
N ASN A 396 -14.05 20.06 -27.96
CA ASN A 396 -15.01 20.41 -29.01
C ASN A 396 -15.09 19.40 -30.15
N GLY A 397 -16.32 19.09 -30.55
CA GLY A 397 -16.63 18.41 -31.82
C GLY A 397 -15.98 17.04 -31.93
N GLN A 398 -15.51 16.68 -33.12
CA GLN A 398 -14.96 15.33 -33.32
C GLN A 398 -13.65 15.17 -32.53
N ARG A 399 -12.99 16.26 -32.15
CA ARG A 399 -11.77 16.21 -31.32
C ARG A 399 -12.09 16.43 -29.83
N ALA A 400 -13.35 16.26 -29.43
CA ALA A 400 -13.70 16.29 -28.00
C ALA A 400 -13.17 15.04 -27.31
N CYS A 401 -13.13 15.09 -26.00
CA CYS A 401 -12.63 13.99 -25.16
C CYS A 401 -13.37 12.69 -25.48
N ILE A 402 -12.62 11.66 -25.88
CA ILE A 402 -13.28 10.34 -26.11
C ILE A 402 -13.60 9.69 -24.74
N GLY A 403 -12.90 10.12 -23.70
CA GLY A 403 -13.03 9.57 -22.34
C GLY A 403 -14.13 10.17 -21.50
N GLN A 404 -14.94 11.07 -22.04
CA GLN A 404 -15.88 11.85 -21.21
C GLN A 404 -16.82 10.93 -20.43
N GLN A 405 -17.41 9.94 -21.10
N GLN A 405 -17.41 9.95 -21.10
CA GLN A 405 -18.39 9.06 -20.41
CA GLN A 405 -18.39 9.05 -20.42
C GLN A 405 -17.66 8.24 -19.34
C GLN A 405 -17.65 8.26 -19.34
N PHE A 406 -16.45 7.78 -19.64
CA PHE A 406 -15.65 6.97 -18.71
C PHE A 406 -15.33 7.80 -17.46
N ALA A 407 -14.80 9.00 -17.67
CA ALA A 407 -14.40 9.91 -16.59
C ALA A 407 -15.62 10.21 -15.70
N LEU A 408 -16.75 10.53 -16.31
CA LEU A 408 -17.93 10.93 -15.50
C LEU A 408 -18.52 9.71 -14.81
N HIS A 409 -18.51 8.54 -15.42
CA HIS A 409 -19.05 7.35 -14.73
C HIS A 409 -18.19 7.03 -13.51
N GLU A 410 -16.88 6.98 -13.71
CA GLU A 410 -15.92 6.71 -12.61
C GLU A 410 -16.13 7.76 -11.51
N ALA A 411 -16.19 9.04 -11.86
CA ALA A 411 -16.22 10.10 -10.83
C ALA A 411 -17.56 10.04 -10.09
N THR A 412 -18.66 9.79 -10.80
CA THR A 412 -19.98 9.76 -10.15
C THR A 412 -20.03 8.56 -9.20
N LEU A 413 -19.54 7.39 -9.64
CA LEU A 413 -19.53 6.17 -8.81
C LEU A 413 -18.74 6.45 -7.52
N VAL A 414 -17.52 6.95 -7.65
CA VAL A 414 -16.58 7.12 -6.51
C VAL A 414 -17.14 8.19 -5.57
N LEU A 415 -17.56 9.32 -6.10
CA LEU A 415 -18.09 10.40 -5.24
C LEU A 415 -19.37 9.91 -4.56
N GLY A 416 -20.24 9.18 -5.25
CA GLY A 416 -21.44 8.63 -4.62
C GLY A 416 -21.07 7.73 -3.45
N MET A 417 -20.11 6.83 -3.66
CA MET A 417 -19.70 5.90 -2.56
C MET A 417 -19.06 6.70 -1.42
N MET A 418 -18.24 7.70 -1.71
CA MET A 418 -17.61 8.51 -0.65
C MET A 418 -18.69 9.17 0.19
N LEU A 419 -19.70 9.73 -0.46
CA LEU A 419 -20.78 10.45 0.25
C LEU A 419 -21.70 9.49 1.01
N LYS A 420 -21.84 8.25 0.54
CA LYS A 420 -22.66 7.24 1.24
C LYS A 420 -21.91 6.82 2.52
N HIS A 421 -20.59 6.65 2.46
CA HIS A 421 -19.85 5.91 3.51
C HIS A 421 -19.24 6.80 4.59
N PHE A 422 -19.05 8.09 4.34
CA PHE A 422 -18.28 8.96 5.25
C PHE A 422 -18.89 10.35 5.37
N ASP A 423 -18.74 10.91 6.57
CA ASP A 423 -18.86 12.37 6.79
C ASP A 423 -17.46 12.96 6.65
N PHE A 424 -17.36 14.17 6.14
CA PHE A 424 -16.06 14.81 5.87
C PHE A 424 -15.89 16.07 6.71
N GLU A 425 -14.65 16.29 7.13
CA GLU A 425 -14.23 17.49 7.88
C GLU A 425 -13.06 18.15 7.16
N ASP A 426 -13.22 19.45 6.91
CA ASP A 426 -12.13 20.34 6.45
C ASP A 426 -11.31 20.74 7.70
N HIS A 427 -10.56 19.81 8.26
CA HIS A 427 -10.00 19.98 9.62
C HIS A 427 -8.91 21.06 9.67
N THR A 428 -8.30 21.41 8.54
CA THR A 428 -7.22 22.41 8.47
C THR A 428 -7.75 23.75 7.98
N ASN A 429 -9.04 23.86 7.62
CA ASN A 429 -9.56 25.08 6.95
C ASN A 429 -8.66 25.36 5.72
N TYR A 430 -8.60 24.39 4.84
CA TYR A 430 -7.65 24.35 3.71
C TYR A 430 -7.80 25.60 2.84
N GLU A 431 -6.66 26.23 2.55
CA GLU A 431 -6.57 27.40 1.64
C GLU A 431 -6.24 26.89 0.24
N LEU A 432 -7.15 27.08 -0.72
CA LEU A 432 -6.95 26.55 -2.08
C LEU A 432 -5.64 27.11 -2.67
N ASP A 433 -4.82 26.18 -3.14
CA ASP A 433 -3.54 26.45 -3.85
C ASP A 433 -3.55 25.55 -5.07
N ILE A 434 -3.73 26.13 -6.24
CA ILE A 434 -3.88 25.33 -7.48
C ILE A 434 -2.51 25.17 -8.12
N LYS A 435 -1.97 23.95 -8.06
N LYS A 435 -1.97 23.95 -8.06
CA LYS A 435 -0.69 23.58 -8.70
CA LYS A 435 -0.70 23.60 -8.71
C LYS A 435 -0.98 23.25 -10.16
C LYS A 435 -1.00 23.28 -10.17
N GLU A 436 -0.15 23.79 -11.06
CA GLU A 436 -0.29 23.60 -12.51
C GLU A 436 0.84 22.69 -12.97
N THR A 437 0.48 21.60 -13.61
CA THR A 437 1.39 20.66 -14.29
C THR A 437 0.83 20.50 -15.72
N LEU A 438 0.69 19.27 -16.19
CA LEU A 438 -0.18 18.96 -17.34
C LEU A 438 -1.59 19.43 -17.00
N THR A 439 -1.93 19.41 -15.71
CA THR A 439 -3.33 19.55 -15.26
C THR A 439 -3.35 20.56 -14.10
N LEU A 440 -4.49 20.67 -13.45
CA LEU A 440 -4.70 21.53 -12.27
C LEU A 440 -5.06 20.63 -11.10
N LYS A 441 -4.59 20.96 -9.90
CA LYS A 441 -5.03 20.22 -8.70
C LYS A 441 -4.99 21.15 -7.50
N PRO A 442 -5.83 20.86 -6.49
CA PRO A 442 -5.75 21.55 -5.20
C PRO A 442 -4.63 20.95 -4.35
N GLU A 443 -3.43 21.51 -4.49
N GLU A 443 -3.44 21.52 -4.49
CA GLU A 443 -2.21 20.96 -3.86
CA GLU A 443 -2.19 21.03 -3.85
C GLU A 443 -2.34 21.05 -2.34
C GLU A 443 -2.34 21.05 -2.33
N GLY A 444 -2.05 19.94 -1.66
CA GLY A 444 -2.05 19.87 -0.19
C GLY A 444 -3.45 19.77 0.38
N PHE A 445 -4.46 19.56 -0.44
CA PHE A 445 -5.85 19.42 0.07
C PHE A 445 -5.94 18.14 0.89
N VAL A 446 -6.35 18.28 2.15
CA VAL A 446 -6.48 17.18 3.12
C VAL A 446 -7.83 17.30 3.81
N VAL A 447 -8.41 16.18 4.19
CA VAL A 447 -9.66 16.13 4.97
C VAL A 447 -9.54 15.00 5.98
N LYS A 448 -10.47 14.98 6.92
CA LYS A 448 -10.73 13.79 7.75
C LYS A 448 -12.09 13.23 7.32
N ALA A 449 -12.20 11.91 7.34
CA ALA A 449 -13.42 11.18 6.98
C ALA A 449 -13.84 10.38 8.21
N LYS A 450 -15.06 10.59 8.67
CA LYS A 450 -15.64 9.82 9.80
C LYS A 450 -16.57 8.79 9.19
N SER A 451 -16.27 7.52 9.36
CA SER A 451 -17.10 6.44 8.81
C SER A 451 -18.53 6.55 9.35
N LYS A 452 -19.51 6.39 8.46
CA LYS A 452 -20.92 6.16 8.81
C LYS A 452 -21.18 4.69 9.19
N LYS A 453 -20.15 3.83 9.11
CA LYS A 453 -20.18 2.41 9.56
C LYS A 453 -21.26 1.64 8.79
N ILE A 454 -21.32 1.86 7.48
CA ILE A 454 -22.21 1.13 6.55
C ILE A 454 -21.36 0.11 5.83
N PRO A 455 -21.63 -1.20 6.02
CA PRO A 455 -20.83 -2.25 5.39
C PRO A 455 -20.95 -2.26 3.87
N LEU A 456 -19.88 -2.75 3.23
CA LEU A 456 -19.82 -3.16 1.81
C LEU A 456 -20.17 -4.65 1.69
N ILE B 3 31.13 -37.45 37.44
CA ILE B 3 31.49 -36.01 37.24
C ILE B 3 32.52 -35.93 36.11
N LYS B 4 32.36 -35.01 35.16
CA LYS B 4 33.31 -34.90 34.01
C LYS B 4 33.50 -33.43 33.61
N GLU B 5 34.66 -33.16 32.98
CA GLU B 5 35.03 -31.85 32.42
C GLU B 5 34.16 -31.58 31.19
N MET B 6 33.72 -30.35 31.06
CA MET B 6 32.78 -29.93 30.00
C MET B 6 33.60 -29.52 28.78
N PRO B 7 33.22 -29.95 27.55
CA PRO B 7 33.87 -29.43 26.35
C PRO B 7 33.68 -27.91 26.25
N GLN B 8 34.56 -27.30 25.48
CA GLN B 8 34.60 -25.83 25.29
C GLN B 8 35.14 -25.56 23.90
N PRO B 9 34.52 -24.63 23.13
CA PRO B 9 35.01 -24.31 21.80
C PRO B 9 36.27 -23.45 21.84
N LYS B 10 36.80 -23.13 20.66
CA LYS B 10 38.08 -22.42 20.55
C LYS B 10 38.06 -21.04 21.22
N THR B 11 39.24 -20.63 21.67
CA THR B 11 39.41 -19.37 22.42
C THR B 11 40.28 -18.36 21.65
N PHE B 12 40.18 -17.11 22.10
CA PHE B 12 40.78 -15.91 21.50
C PHE B 12 41.52 -15.15 22.60
N GLY B 13 42.47 -15.81 23.26
CA GLY B 13 43.23 -15.24 24.39
C GLY B 13 42.31 -14.67 25.45
N GLU B 14 42.53 -13.40 25.85
CA GLU B 14 41.82 -12.73 26.97
C GLU B 14 40.32 -12.65 26.69
N LEU B 15 39.89 -12.70 25.42
CA LEU B 15 38.46 -12.59 25.04
C LEU B 15 37.78 -13.97 25.14
N LYS B 16 38.54 -15.03 25.40
CA LYS B 16 37.99 -16.39 25.66
C LYS B 16 37.13 -16.77 24.45
N ASN B 17 35.85 -17.13 24.62
CA ASN B 17 35.02 -17.60 23.48
C ASN B 17 34.22 -16.46 22.85
N LEU B 18 34.25 -15.25 23.43
CA LEU B 18 33.32 -14.16 23.05
C LEU B 18 33.32 -13.92 21.53
N PRO B 19 34.47 -13.85 20.82
CA PRO B 19 34.47 -13.54 19.38
C PRO B 19 33.73 -14.54 18.49
N LEU B 20 33.42 -15.74 19.01
CA LEU B 20 32.63 -16.76 18.26
C LEU B 20 31.25 -16.22 17.95
N LEU B 21 30.74 -15.28 18.75
CA LEU B 21 29.39 -14.69 18.50
C LEU B 21 29.53 -13.36 17.73
N ASN B 22 30.72 -13.00 17.28
CA ASN B 22 30.93 -11.82 16.40
C ASN B 22 30.69 -12.28 14.96
N THR B 23 29.44 -12.54 14.62
CA THR B 23 28.98 -13.13 13.34
C THR B 23 27.56 -12.62 13.09
N ASP B 24 27.12 -12.54 11.83
CA ASP B 24 25.70 -12.17 11.64
C ASP B 24 24.84 -13.44 11.76
N LYS B 25 25.42 -14.63 11.95
CA LYS B 25 24.62 -15.88 12.10
C LYS B 25 25.04 -16.64 13.36
N PRO B 26 24.87 -16.07 14.57
CA PRO B 26 25.37 -16.72 15.76
C PRO B 26 24.68 -18.04 16.15
N VAL B 27 23.36 -18.13 16.00
CA VAL B 27 22.65 -19.42 16.31
C VAL B 27 23.18 -20.52 15.40
N GLN B 28 23.31 -20.25 14.10
CA GLN B 28 23.80 -21.28 13.16
C GLN B 28 25.25 -21.64 13.54
N ALA B 29 26.04 -20.67 14.00
CA ALA B 29 27.43 -20.93 14.47
C ALA B 29 27.40 -21.85 15.69
N LEU B 30 26.53 -21.57 16.67
CA LEU B 30 26.41 -22.39 17.90
C LEU B 30 25.93 -23.80 17.55
N MET B 31 25.05 -23.94 16.56
CA MET B 31 24.58 -25.28 16.13
C MET B 31 25.77 -26.08 15.60
N LYS B 32 26.64 -25.46 14.81
CA LYS B 32 27.84 -26.17 14.27
C LYS B 32 28.77 -26.55 15.41
N ILE B 33 28.93 -25.68 16.41
CA ILE B 33 29.77 -25.99 17.61
C ILE B 33 29.13 -27.17 18.35
N ALA B 34 27.82 -27.18 18.55
CA ALA B 34 27.10 -28.29 19.22
C ALA B 34 27.30 -29.59 18.44
N ASP B 35 27.30 -29.54 17.12
CA ASP B 35 27.50 -30.75 16.28
C ASP B 35 28.89 -31.31 16.56
N GLU B 36 29.88 -30.45 16.83
CA GLU B 36 31.28 -30.91 17.06
C GLU B 36 31.43 -31.35 18.52
N LEU B 37 30.87 -30.61 19.48
CA LEU B 37 31.19 -30.79 20.92
C LEU B 37 30.15 -31.62 21.68
N GLY B 38 28.93 -31.71 21.17
CA GLY B 38 27.88 -32.58 21.74
C GLY B 38 26.89 -31.84 22.62
N GLU B 39 26.34 -32.53 23.60
CA GLU B 39 25.06 -32.13 24.26
C GLU B 39 25.27 -30.92 25.17
N ILE B 40 26.50 -30.66 25.59
CA ILE B 40 26.79 -29.50 26.49
C ILE B 40 28.18 -28.95 26.19
N PHE B 41 28.31 -27.63 26.14
CA PHE B 41 29.63 -26.98 26.09
C PHE B 41 29.58 -25.67 26.86
N LYS B 42 30.73 -25.37 27.45
CA LYS B 42 30.93 -24.14 28.23
C LYS B 42 31.31 -23.05 27.24
N PHE B 43 30.85 -21.84 27.52
CA PHE B 43 31.18 -20.64 26.73
C PHE B 43 31.58 -19.56 27.73
N GLU B 44 32.84 -19.17 27.71
CA GLU B 44 33.39 -18.15 28.62
C GLU B 44 33.58 -16.85 27.84
N ALA B 45 33.39 -15.73 28.52
CA ALA B 45 33.70 -14.38 28.03
C ALA B 45 34.28 -13.65 29.22
N PRO B 46 34.95 -12.49 29.03
CA PRO B 46 35.37 -11.67 30.16
C PRO B 46 34.20 -11.49 31.15
N GLY B 47 34.33 -12.10 32.34
CA GLY B 47 33.43 -11.92 33.49
C GLY B 47 32.12 -12.70 33.42
N ARG B 48 31.94 -13.61 32.45
N ARG B 48 31.98 -13.64 32.48
CA ARG B 48 30.70 -14.44 32.37
CA ARG B 48 30.74 -14.45 32.36
C ARG B 48 31.00 -15.84 31.82
C ARG B 48 31.06 -15.86 31.87
N VAL B 49 30.25 -16.82 32.31
CA VAL B 49 30.23 -18.21 31.79
C VAL B 49 28.77 -18.63 31.57
N THR B 50 28.52 -19.30 30.45
CA THR B 50 27.22 -19.99 30.27
C THR B 50 27.51 -21.36 29.67
N ARG B 51 26.52 -22.23 29.74
CA ARG B 51 26.61 -23.60 29.20
C ARG B 51 25.48 -23.77 28.21
N TYR B 52 25.81 -24.12 26.98
CA TYR B 52 24.83 -24.37 25.91
C TYR B 52 24.44 -25.85 25.89
N LEU B 53 23.14 -26.13 26.03
CA LEU B 53 22.56 -27.49 26.10
C LEU B 53 21.84 -27.77 24.78
N SER B 54 21.99 -29.01 24.31
CA SER B 54 21.46 -29.44 22.99
C SER B 54 20.70 -30.77 23.08
N SER B 55 20.81 -31.54 24.17
CA SER B 55 20.16 -32.87 24.25
C SER B 55 18.87 -32.79 25.07
N GLN B 56 17.90 -33.60 24.69
CA GLN B 56 16.68 -33.77 25.49
C GLN B 56 17.07 -34.27 26.89
N ARG B 57 18.06 -35.14 26.99
CA ARG B 57 18.47 -35.76 28.28
C ARG B 57 18.76 -34.65 29.30
N LEU B 58 19.51 -33.62 28.90
CA LEU B 58 19.90 -32.52 29.82
C LEU B 58 18.81 -31.45 29.85
N ILE B 59 18.20 -31.15 28.72
CA ILE B 59 17.21 -30.05 28.67
C ILE B 59 16.00 -30.42 29.52
N LYS B 60 15.66 -31.71 29.67
CA LYS B 60 14.50 -32.08 30.50
C LYS B 60 14.78 -31.73 31.96
N GLU B 61 16.05 -31.82 32.40
CA GLU B 61 16.45 -31.41 33.76
C GLU B 61 16.43 -29.88 33.87
N ALA B 62 16.92 -29.18 32.86
CA ALA B 62 16.95 -27.71 32.85
C ALA B 62 15.51 -27.16 32.94
N CYS B 63 14.53 -27.90 32.45
CA CYS B 63 13.11 -27.47 32.40
C CYS B 63 12.39 -27.82 33.70
N ASP B 64 13.10 -28.37 34.70
CA ASP B 64 12.53 -28.63 36.03
C ASP B 64 12.49 -27.29 36.79
N GLU B 65 11.31 -26.73 36.96
CA GLU B 65 11.11 -25.39 37.54
C GLU B 65 11.46 -25.37 39.03
N SER B 66 11.55 -26.53 39.69
CA SER B 66 12.01 -26.60 41.10
C SER B 66 13.53 -26.34 41.18
N ARG B 67 14.26 -26.52 40.07
CA ARG B 67 15.74 -26.48 40.03
C ARG B 67 16.24 -25.28 39.25
N PHE B 68 15.49 -24.83 38.25
CA PHE B 68 15.96 -23.74 37.36
C PHE B 68 14.81 -22.80 37.04
N ASP B 69 15.14 -21.52 36.92
CA ASP B 69 14.17 -20.45 36.58
C ASP B 69 14.70 -19.69 35.37
N LYS B 70 13.81 -18.98 34.71
CA LYS B 70 14.17 -18.13 33.57
C LYS B 70 15.24 -17.11 33.99
N ASN B 71 16.28 -17.01 33.18
CA ASN B 71 17.32 -15.96 33.26
C ASN B 71 17.06 -14.94 32.17
N LEU B 72 17.34 -13.67 32.45
CA LEU B 72 17.41 -12.64 31.37
C LEU B 72 18.80 -12.71 30.77
N SER B 73 18.88 -13.28 29.57
CA SER B 73 20.07 -13.20 28.71
C SER B 73 20.48 -11.73 28.53
N GLN B 74 21.71 -11.49 28.07
CA GLN B 74 22.10 -10.10 27.73
C GLN B 74 21.16 -9.57 26.65
N ALA B 75 20.76 -10.41 25.70
CA ALA B 75 19.78 -10.01 24.66
C ALA B 75 18.52 -9.45 25.31
N LEU B 76 17.93 -10.19 26.25
CA LEU B 76 16.70 -9.71 26.91
C LEU B 76 16.98 -8.43 27.71
N LYS B 77 18.14 -8.33 28.36
CA LYS B 77 18.47 -7.13 29.16
C LYS B 77 18.53 -5.90 28.25
N PHE B 78 19.03 -6.03 27.01
CA PHE B 78 19.09 -4.88 26.07
C PHE B 78 17.67 -4.54 25.57
N VAL B 79 16.84 -5.56 25.34
CA VAL B 79 15.45 -5.32 24.90
C VAL B 79 14.65 -4.68 26.05
N ARG B 80 14.99 -4.99 27.30
CA ARG B 80 14.28 -4.44 28.47
C ARG B 80 14.38 -2.90 28.49
N ASP B 81 15.39 -2.30 27.86
CA ASP B 81 15.47 -0.82 27.79
C ASP B 81 14.19 -0.24 27.15
N PHE B 82 13.46 -1.00 26.32
CA PHE B 82 12.16 -0.49 25.78
C PHE B 82 10.98 -1.42 26.07
N ALA B 83 11.18 -2.70 26.41
CA ALA B 83 10.07 -3.61 26.79
C ALA B 83 9.85 -3.60 28.31
N GLY B 84 10.74 -2.98 29.07
CA GLY B 84 10.56 -2.74 30.51
C GLY B 84 10.31 -4.00 31.29
N ASP B 85 9.37 -3.96 32.23
CA ASP B 85 8.96 -5.15 33.02
C ASP B 85 7.65 -5.69 32.45
N GLY B 86 7.53 -5.66 31.12
CA GLY B 86 6.56 -6.52 30.42
C GLY B 86 6.85 -7.98 30.68
N LEU B 87 5.96 -8.85 30.23
CA LEU B 87 6.05 -10.28 30.63
C LEU B 87 7.38 -10.90 30.17
N PHE B 88 7.84 -10.56 28.97
CA PHE B 88 8.97 -11.25 28.33
C PHE B 88 10.32 -10.90 28.95
N THR B 89 10.43 -9.67 29.45
CA THR B 89 11.71 -9.13 29.95
C THR B 89 11.72 -8.94 31.47
N SER B 90 10.76 -9.53 32.18
N SER B 90 10.78 -9.58 32.17
CA SER B 90 10.70 -9.47 33.67
CA SER B 90 10.66 -9.58 33.64
C SER B 90 11.22 -10.78 34.27
C SER B 90 11.32 -10.83 34.23
N TRP B 91 11.84 -10.68 35.43
CA TRP B 91 12.22 -11.85 36.25
C TRP B 91 10.94 -12.43 36.87
N THR B 92 10.92 -13.73 37.10
CA THR B 92 9.75 -14.44 37.66
C THR B 92 9.39 -13.85 39.02
N HIS B 93 10.40 -13.39 39.75
CA HIS B 93 10.22 -12.92 41.14
C HIS B 93 9.82 -11.45 41.19
N GLU B 94 9.76 -10.73 40.07
CA GLU B 94 9.28 -9.32 40.07
C GLU B 94 7.76 -9.33 40.22
N LYS B 95 7.22 -8.49 41.10
CA LYS B 95 5.76 -8.42 41.34
C LYS B 95 4.98 -8.32 40.01
N ASN B 96 5.44 -7.47 39.11
CA ASN B 96 4.71 -7.23 37.84
C ASN B 96 4.71 -8.46 36.93
N TRP B 97 5.62 -9.42 37.09
CA TRP B 97 5.51 -10.64 36.26
C TRP B 97 4.23 -11.41 36.63
N LYS B 98 4.11 -11.82 37.89
N LYS B 98 4.08 -11.86 37.87
CA LYS B 98 2.98 -12.68 38.32
CA LYS B 98 2.93 -12.74 38.18
C LYS B 98 1.68 -11.93 38.10
C LYS B 98 1.64 -11.92 38.05
N LYS B 99 1.67 -10.62 38.39
CA LYS B 99 0.46 -9.79 38.29
C LYS B 99 -0.03 -9.78 36.84
N ALA B 100 0.86 -9.47 35.90
CA ALA B 100 0.46 -9.40 34.49
C ALA B 100 0.12 -10.80 33.98
N HIS B 101 0.89 -11.80 34.38
CA HIS B 101 0.62 -13.21 33.99
C HIS B 101 -0.81 -13.60 34.38
N ASN B 102 -1.20 -13.32 35.62
CA ASN B 102 -2.53 -13.74 36.10
C ASN B 102 -3.60 -12.97 35.32
N ILE B 103 -3.38 -11.68 35.08
CA ILE B 103 -4.39 -10.84 34.39
C ILE B 103 -4.52 -11.29 32.94
N LEU B 104 -3.40 -11.58 32.27
CA LEU B 104 -3.42 -11.78 30.80
C LEU B 104 -3.66 -13.24 30.39
N LEU B 105 -3.41 -14.22 31.27
N LEU B 105 -3.39 -14.22 31.27
CA LEU B 105 -3.52 -15.63 30.83
CA LEU B 105 -3.53 -15.64 30.87
C LEU B 105 -4.89 -15.91 30.22
C LEU B 105 -4.88 -15.88 30.22
N PRO B 106 -6.02 -15.48 30.82
CA PRO B 106 -7.32 -15.79 30.23
C PRO B 106 -7.54 -15.15 28.85
N SER B 107 -6.88 -14.03 28.58
N SER B 107 -6.89 -14.01 28.59
CA SER B 107 -6.99 -13.28 27.31
CA SER B 107 -7.01 -13.26 27.32
C SER B 107 -6.22 -13.98 26.19
C SER B 107 -6.19 -13.94 26.20
N PHE B 108 -5.38 -14.95 26.55
CA PHE B 108 -4.50 -15.65 25.57
C PHE B 108 -4.88 -17.13 25.45
N SER B 109 -5.96 -17.54 26.11
CA SER B 109 -6.38 -18.95 26.12
C SER B 109 -6.90 -19.36 24.74
N GLN B 110 -6.96 -20.66 24.50
CA GLN B 110 -7.59 -21.18 23.27
C GLN B 110 -9.02 -20.61 23.15
N GLN B 111 -9.78 -20.56 24.23
N GLN B 111 -9.78 -20.58 24.24
CA GLN B 111 -11.18 -20.05 24.20
CA GLN B 111 -11.18 -20.04 24.26
C GLN B 111 -11.18 -18.58 23.76
C GLN B 111 -11.17 -18.59 23.78
N ALA B 112 -10.20 -17.78 24.23
CA ALA B 112 -10.09 -16.36 23.84
C ALA B 112 -9.91 -16.20 22.32
N MET B 113 -9.34 -17.19 21.64
CA MET B 113 -9.08 -17.04 20.19
C MET B 113 -10.40 -16.88 19.44
N LYS B 114 -11.51 -17.38 19.97
CA LYS B 114 -12.82 -17.24 19.31
C LYS B 114 -13.12 -15.75 19.14
N GLY B 115 -12.73 -14.93 20.12
CA GLY B 115 -12.96 -13.47 20.13
C GLY B 115 -12.05 -12.72 19.17
N TYR B 116 -10.83 -13.19 18.95
CA TYR B 116 -9.85 -12.53 18.05
C TYR B 116 -10.05 -12.96 16.60
N HIS B 117 -10.76 -14.06 16.38
CA HIS B 117 -10.81 -14.71 15.05
C HIS B 117 -11.25 -13.70 13.96
N ALA B 118 -12.32 -12.92 14.18
CA ALA B 118 -12.83 -12.02 13.13
C ALA B 118 -11.74 -11.02 12.70
N MET B 119 -11.02 -10.45 13.65
N MET B 119 -10.96 -10.47 13.60
CA MET B 119 -9.93 -9.47 13.38
CA MET B 119 -9.96 -9.45 13.20
C MET B 119 -8.83 -10.18 12.59
C MET B 119 -8.70 -10.13 12.66
N MET B 120 -8.47 -11.41 12.99
CA MET B 120 -7.42 -12.16 12.29
C MET B 120 -7.84 -12.37 10.82
N VAL B 121 -9.11 -12.70 10.61
CA VAL B 121 -9.66 -12.90 9.23
C VAL B 121 -9.54 -11.58 8.44
N ASP B 122 -9.80 -10.44 9.08
CA ASP B 122 -9.70 -9.12 8.40
C ASP B 122 -8.33 -9.01 7.73
N ILE B 123 -7.26 -9.25 8.48
CA ILE B 123 -5.88 -9.08 7.94
C ILE B 123 -5.59 -10.22 6.94
N ALA B 124 -6.01 -11.45 7.23
CA ALA B 124 -5.77 -12.59 6.33
C ALA B 124 -6.38 -12.32 4.96
N VAL B 125 -7.58 -11.77 4.94
CA VAL B 125 -8.28 -11.44 3.67
C VAL B 125 -7.46 -10.35 2.96
N GLN B 126 -6.91 -9.38 3.67
CA GLN B 126 -6.06 -8.36 2.99
C GLN B 126 -4.87 -9.04 2.30
N LEU B 127 -4.26 -10.04 2.93
N LEU B 127 -4.27 -10.04 2.93
CA LEU B 127 -3.11 -10.74 2.30
CA LEU B 127 -3.11 -10.78 2.36
C LEU B 127 -3.59 -11.49 1.05
C LEU B 127 -3.56 -11.51 1.08
N VAL B 128 -4.68 -12.24 1.15
CA VAL B 128 -5.18 -13.02 -0.01
C VAL B 128 -5.52 -12.05 -1.14
N GLN B 129 -6.18 -10.95 -0.83
N GLN B 129 -6.20 -10.94 -0.85
CA GLN B 129 -6.56 -9.95 -1.87
CA GLN B 129 -6.55 -9.97 -1.90
C GLN B 129 -5.29 -9.35 -2.51
C GLN B 129 -5.27 -9.39 -2.53
N LYS B 130 -4.25 -9.07 -1.73
CA LYS B 130 -2.98 -8.56 -2.31
C LYS B 130 -2.50 -9.55 -3.37
N TRP B 131 -2.45 -10.83 -3.02
CA TRP B 131 -1.86 -11.84 -3.93
C TRP B 131 -2.78 -12.07 -5.13
N GLU B 132 -4.09 -11.99 -4.95
CA GLU B 132 -5.06 -12.12 -6.06
C GLU B 132 -4.85 -11.00 -7.08
N ARG B 133 -4.34 -9.85 -6.63
CA ARG B 133 -4.23 -8.63 -7.44
C ARG B 133 -2.86 -8.49 -8.08
N LEU B 134 -1.94 -9.43 -7.87
CA LEU B 134 -0.64 -9.37 -8.58
C LEU B 134 -0.87 -9.68 -10.06
N ASN B 135 -0.05 -9.05 -10.90
CA ASN B 135 -0.03 -9.32 -12.34
C ASN B 135 0.76 -10.59 -12.62
N ALA B 136 0.57 -11.14 -13.82
CA ALA B 136 1.18 -12.41 -14.25
C ALA B 136 2.69 -12.41 -14.01
N ASP B 137 3.41 -11.31 -14.28
CA ASP B 137 4.90 -11.37 -14.29
C ASP B 137 5.48 -11.16 -12.88
N GLU B 138 4.66 -11.13 -11.84
CA GLU B 138 5.10 -10.60 -10.51
C GLU B 138 5.32 -11.75 -9.55
N HIS B 139 6.10 -11.49 -8.52
CA HIS B 139 6.36 -12.49 -7.47
C HIS B 139 6.02 -11.91 -6.11
N ILE B 140 6.09 -12.79 -5.14
CA ILE B 140 5.78 -12.51 -3.72
C ILE B 140 7.10 -12.52 -2.94
N GLU B 141 7.31 -11.47 -2.15
CA GLU B 141 8.38 -11.39 -1.16
C GLU B 141 7.80 -11.97 0.14
N VAL B 142 8.13 -13.23 0.42
CA VAL B 142 7.37 -14.00 1.43
C VAL B 142 7.54 -13.41 2.81
N PRO B 143 8.75 -13.29 3.39
CA PRO B 143 8.85 -12.82 4.76
C PRO B 143 8.31 -11.38 4.91
N GLU B 144 8.44 -10.58 3.86
CA GLU B 144 7.95 -9.20 3.88
C GLU B 144 6.42 -9.20 4.03
N ASP B 145 5.71 -9.99 3.23
CA ASP B 145 4.23 -10.05 3.31
C ASP B 145 3.78 -10.76 4.59
N MET B 146 4.49 -11.80 5.04
CA MET B 146 4.09 -12.46 6.29
C MET B 146 4.22 -11.47 7.46
N THR B 147 5.24 -10.63 7.45
CA THR B 147 5.48 -9.63 8.52
C THR B 147 4.41 -8.55 8.46
N ARG B 148 4.01 -8.14 7.27
CA ARG B 148 2.87 -7.19 7.13
C ARG B 148 1.66 -7.78 7.85
N LEU B 149 1.39 -9.05 7.59
CA LEU B 149 0.22 -9.74 8.16
C LEU B 149 0.36 -9.84 9.68
N THR B 150 1.47 -10.34 10.19
CA THR B 150 1.54 -10.66 11.64
C THR B 150 1.55 -9.38 12.46
N LEU B 151 2.24 -8.36 11.99
CA LEU B 151 2.27 -7.06 12.69
C LEU B 151 0.84 -6.50 12.71
N ASP B 152 0.16 -6.53 11.57
CA ASP B 152 -1.17 -5.88 11.51
C ASP B 152 -2.14 -6.67 12.40
N THR B 153 -1.99 -7.99 12.47
CA THR B 153 -2.92 -8.81 13.26
C THR B 153 -2.74 -8.48 14.74
N ILE B 154 -1.51 -8.39 15.22
CA ILE B 154 -1.36 -8.11 16.68
C ILE B 154 -1.75 -6.65 16.96
N GLY B 155 -1.52 -5.72 16.04
CA GLY B 155 -1.98 -4.35 16.29
C GLY B 155 -3.49 -4.27 16.42
N LEU B 156 -4.22 -4.97 15.55
CA LEU B 156 -5.70 -4.89 15.52
C LEU B 156 -6.28 -5.67 16.71
N CYS B 157 -5.83 -6.89 16.94
CA CYS B 157 -6.30 -7.74 18.07
C CYS B 157 -5.76 -7.25 19.41
N GLY B 158 -4.60 -6.61 19.41
CA GLY B 158 -3.96 -6.14 20.65
C GLY B 158 -4.62 -4.88 21.16
N PHE B 159 -4.87 -3.92 20.25
N PHE B 159 -4.69 -3.84 20.32
CA PHE B 159 -5.08 -2.51 20.64
CA PHE B 159 -5.18 -2.50 20.76
C PHE B 159 -6.08 -1.81 19.72
C PHE B 159 -5.97 -1.79 19.65
N ASN B 160 -6.67 -2.54 18.78
CA ASN B 160 -7.62 -1.97 17.79
C ASN B 160 -6.94 -0.85 16.99
N TYR B 161 -5.66 -1.02 16.68
CA TYR B 161 -4.88 -0.05 15.90
C TYR B 161 -4.50 -0.67 14.57
N ARG B 162 -4.72 0.06 13.49
CA ARG B 162 -4.39 -0.43 12.13
C ARG B 162 -3.05 0.14 11.68
N PHE B 163 -2.02 -0.69 11.60
CA PHE B 163 -0.73 -0.25 11.01
C PHE B 163 -0.87 -0.08 9.50
N ASN B 164 -1.87 -0.72 8.89
CA ASN B 164 -2.15 -0.60 7.44
C ASN B 164 -0.90 -0.94 6.63
N SER B 165 -0.25 -2.04 6.99
CA SER B 165 1.03 -2.43 6.38
C SER B 165 0.85 -2.81 4.91
N PHE B 166 -0.34 -3.25 4.51
CA PHE B 166 -0.59 -3.58 3.09
C PHE B 166 -0.84 -2.34 2.23
N TYR B 167 -0.84 -1.15 2.83
CA TYR B 167 -0.99 0.14 2.12
C TYR B 167 0.34 0.86 1.95
N ARG B 168 1.43 0.21 2.33
CA ARG B 168 2.75 0.85 2.51
C ARG B 168 3.87 0.00 1.88
N ASP B 169 4.88 0.68 1.33
CA ASP B 169 6.23 0.13 1.07
C ASP B 169 7.09 0.34 2.32
N GLN B 170 7.19 1.59 2.77
CA GLN B 170 7.96 2.00 3.99
C GLN B 170 7.10 1.69 5.21
N PRO B 171 7.65 1.05 6.27
CA PRO B 171 6.84 0.73 7.44
C PRO B 171 6.24 2.00 8.08
N HIS B 172 5.14 1.82 8.82
CA HIS B 172 4.61 2.80 9.81
C HIS B 172 5.77 3.31 10.67
N PRO B 173 5.84 4.63 10.97
CA PRO B 173 6.96 5.17 11.75
C PRO B 173 7.24 4.42 13.07
N PHE B 174 6.20 4.00 13.78
CA PHE B 174 6.35 3.19 15.01
C PHE B 174 7.19 1.95 14.71
N ILE B 175 6.92 1.28 13.60
CA ILE B 175 7.62 0.02 13.21
C ILE B 175 9.07 0.31 12.85
N THR B 176 9.35 1.39 12.12
N THR B 176 9.34 1.39 12.11
CA THR B 176 10.75 1.77 11.77
CA THR B 176 10.73 1.81 11.78
C THR B 176 11.53 1.96 13.08
C THR B 176 11.51 1.94 13.09
N SER B 177 10.93 2.63 14.07
CA SER B 177 11.57 2.85 15.39
C SER B 177 11.73 1.54 16.16
N MET B 178 10.72 0.67 16.14
CA MET B 178 10.78 -0.62 16.87
C MET B 178 11.89 -1.49 16.26
N VAL B 179 11.91 -1.61 14.93
CA VAL B 179 12.92 -2.46 14.24
C VAL B 179 14.32 -1.90 14.49
N ARG B 180 14.49 -0.58 14.43
CA ARG B 180 15.83 0.05 14.63
C ARG B 180 16.26 -0.14 16.10
N ALA B 181 15.33 -0.09 17.04
CA ALA B 181 15.62 -0.31 18.48
C ALA B 181 16.03 -1.78 18.67
N LEU B 182 15.30 -2.74 18.07
CA LEU B 182 15.67 -4.18 18.16
C LEU B 182 17.05 -4.43 17.53
N ASP B 183 17.33 -3.83 16.37
CA ASP B 183 18.64 -3.98 15.67
C ASP B 183 19.76 -3.47 16.57
N GLU B 184 19.56 -2.33 17.23
CA GLU B 184 20.54 -1.71 18.14
C GLU B 184 20.77 -2.66 19.32
N ALA B 185 19.70 -3.21 19.88
CA ALA B 185 19.76 -4.16 21.01
C ALA B 185 20.61 -5.38 20.59
N MET B 186 20.36 -5.94 19.42
CA MET B 186 21.11 -7.14 18.96
C MET B 186 22.56 -6.75 18.61
N ASN B 187 22.77 -5.60 18.01
CA ASN B 187 24.12 -5.12 17.60
C ASN B 187 24.98 -4.94 18.87
N LYS B 188 24.36 -4.55 19.98
CA LYS B 188 25.11 -4.26 21.23
C LYS B 188 25.69 -5.56 21.81
N LEU B 189 25.19 -6.75 21.43
CA LEU B 189 25.73 -8.04 21.93
C LEU B 189 27.17 -8.25 21.45
N GLN B 190 27.54 -7.71 20.30
CA GLN B 190 28.90 -7.95 19.73
C GLN B 190 29.60 -6.61 19.47
N ARG B 191 29.21 -5.56 20.18
CA ARG B 191 29.82 -4.20 20.05
C ARG B 191 30.99 -4.09 21.02
N ALA B 192 32.21 -4.07 20.50
CA ALA B 192 33.45 -3.75 21.24
C ALA B 192 33.52 -2.23 21.41
N ASN B 193 33.83 -1.76 22.63
CA ASN B 193 34.01 -0.33 22.98
C ASN B 193 32.70 0.42 22.77
N PRO B 194 31.59 0.01 23.44
CA PRO B 194 30.29 0.68 23.26
C PRO B 194 30.27 2.16 23.67
N ASP B 195 31.23 2.60 24.50
CA ASP B 195 31.32 4.00 25.01
C ASP B 195 32.14 4.86 24.05
N ASP B 196 32.75 4.24 23.02
CA ASP B 196 33.46 4.94 21.93
C ASP B 196 32.54 6.04 21.38
N PRO B 197 33.04 7.27 21.13
CA PRO B 197 32.22 8.36 20.62
C PRO B 197 31.55 8.10 19.26
N ALA B 198 32.07 7.13 18.49
CA ALA B 198 31.52 6.69 17.18
C ALA B 198 30.06 6.21 17.36
N TYR B 199 29.70 5.80 18.57
CA TYR B 199 28.37 5.22 18.90
C TYR B 199 27.45 6.29 19.53
N ASP B 200 27.91 7.54 19.66
CA ASP B 200 27.09 8.67 20.16
C ASP B 200 25.79 8.73 19.34
N GLU B 201 25.90 8.65 18.01
CA GLU B 201 24.74 8.71 17.09
C GLU B 201 23.78 7.55 17.37
N ASN B 202 24.30 6.32 17.49
CA ASN B 202 23.50 5.10 17.80
C ASN B 202 22.69 5.35 19.07
N LYS B 203 23.32 5.96 20.09
CA LYS B 203 22.70 6.17 21.42
C LYS B 203 21.58 7.21 21.31
N ARG B 204 21.82 8.32 20.59
CA ARG B 204 20.80 9.37 20.38
C ARG B 204 19.62 8.76 19.62
N GLN B 205 19.90 7.98 18.58
CA GLN B 205 18.87 7.35 17.72
C GLN B 205 18.04 6.37 18.57
N PHE B 206 18.69 5.62 19.46
CA PHE B 206 18.04 4.61 20.34
C PHE B 206 17.04 5.32 21.27
N GLN B 207 17.45 6.42 21.92
CA GLN B 207 16.55 7.19 22.81
C GLN B 207 15.38 7.75 21.97
N GLU B 208 15.64 8.27 20.76
CA GLU B 208 14.55 8.84 19.90
C GLU B 208 13.57 7.71 19.56
N ASP B 209 14.08 6.52 19.24
CA ASP B 209 13.24 5.36 18.84
C ASP B 209 12.37 4.92 20.03
N ILE B 210 12.92 4.90 21.24
CA ILE B 210 12.15 4.59 22.48
C ILE B 210 11.04 5.63 22.66
N LYS B 211 11.33 6.93 22.50
CA LYS B 211 10.31 8.01 22.63
C LYS B 211 9.18 7.81 21.59
N VAL B 212 9.52 7.51 20.33
CA VAL B 212 8.47 7.27 19.28
C VAL B 212 7.54 6.16 19.77
N MET B 213 8.10 5.04 20.21
CA MET B 213 7.28 3.88 20.63
C MET B 213 6.42 4.26 21.84
N ASN B 214 7.01 4.88 22.85
CA ASN B 214 6.30 5.24 24.10
C ASN B 214 5.18 6.25 23.78
N ASP B 215 5.49 7.23 22.94
CA ASP B 215 4.54 8.32 22.64
C ASP B 215 3.30 7.73 21.99
N LEU B 216 3.46 6.83 21.01
CA LEU B 216 2.26 6.28 20.30
C LEU B 216 1.48 5.42 21.30
N VAL B 217 2.17 4.51 21.97
CA VAL B 217 1.46 3.53 22.84
C VAL B 217 0.82 4.26 24.02
N ASP B 218 1.52 5.23 24.63
CA ASP B 218 0.94 5.99 25.78
C ASP B 218 -0.28 6.77 25.28
N LYS B 219 -0.24 7.32 24.07
CA LYS B 219 -1.39 8.08 23.50
C LYS B 219 -2.57 7.13 23.27
N ILE B 220 -2.33 5.94 22.71
CA ILE B 220 -3.43 4.96 22.48
C ILE B 220 -4.08 4.60 23.83
N ILE B 221 -3.28 4.32 24.85
CA ILE B 221 -3.82 3.96 26.20
C ILE B 221 -4.66 5.13 26.71
N ALA B 222 -4.10 6.34 26.67
CA ALA B 222 -4.78 7.56 27.16
C ALA B 222 -6.09 7.77 26.37
N ASP B 223 -6.04 7.62 25.05
CA ASP B 223 -7.21 7.81 24.15
C ASP B 223 -8.32 6.84 24.56
N ARG B 224 -7.96 5.58 24.82
CA ARG B 224 -8.91 4.52 25.21
C ARG B 224 -9.52 4.82 26.57
N LYS B 225 -8.71 5.16 27.58
CA LYS B 225 -9.24 5.51 28.93
C LYS B 225 -10.25 6.67 28.85
N ALA B 226 -9.97 7.65 28.02
CA ALA B 226 -10.81 8.86 27.85
C ALA B 226 -12.18 8.46 27.24
N SER B 227 -12.19 7.60 26.23
CA SER B 227 -13.42 7.29 25.45
C SER B 227 -14.35 6.36 26.22
N GLY B 228 -13.80 5.51 27.11
CA GLY B 228 -14.54 4.46 27.80
C GLY B 228 -14.94 3.30 26.89
N GLU B 229 -14.50 3.32 25.63
CA GLU B 229 -14.89 2.31 24.61
C GLU B 229 -14.39 0.94 25.06
N GLN B 230 -15.24 -0.09 24.91
CA GLN B 230 -14.93 -1.51 25.19
C GLN B 230 -14.87 -2.24 23.85
N SER B 231 -13.72 -2.82 23.50
CA SER B 231 -13.51 -3.55 22.23
C SER B 231 -13.06 -4.99 22.52
N ASP B 232 -12.76 -5.76 21.47
CA ASP B 232 -12.39 -7.19 21.54
C ASP B 232 -10.87 -7.31 21.67
N ASP B 233 -10.20 -6.33 22.30
CA ASP B 233 -8.72 -6.28 22.28
C ASP B 233 -8.11 -6.47 23.68
N LEU B 234 -6.83 -6.78 23.65
CA LEU B 234 -6.05 -6.99 24.88
C LEU B 234 -6.02 -5.71 25.72
N LEU B 235 -6.04 -4.53 25.09
CA LEU B 235 -5.99 -3.26 25.85
C LEU B 235 -7.23 -3.14 26.74
N THR B 236 -8.42 -3.49 26.24
CA THR B 236 -9.66 -3.49 27.04
C THR B 236 -9.43 -4.40 28.26
N HIS B 237 -8.93 -5.61 28.00
CA HIS B 237 -8.73 -6.65 29.05
C HIS B 237 -7.76 -6.09 30.10
N MET B 238 -6.68 -5.40 29.71
CA MET B 238 -5.66 -4.86 30.65
C MET B 238 -6.20 -3.66 31.42
N LEU B 239 -7.04 -2.83 30.81
CA LEU B 239 -7.64 -1.68 31.52
C LEU B 239 -8.69 -2.17 32.52
N ASN B 240 -9.38 -3.29 32.26
CA ASN B 240 -10.51 -3.77 33.10
C ASN B 240 -10.01 -4.74 34.18
N GLY B 241 -8.91 -5.43 33.93
CA GLY B 241 -8.56 -6.64 34.69
C GLY B 241 -7.96 -6.32 36.03
N LYS B 242 -8.16 -7.22 36.98
CA LYS B 242 -7.50 -7.17 38.30
C LYS B 242 -6.88 -8.53 38.57
N ASP B 243 -5.66 -8.50 39.06
CA ASP B 243 -4.93 -9.71 39.49
C ASP B 243 -5.71 -10.31 40.64
N PRO B 244 -6.17 -11.58 40.56
CA PRO B 244 -6.86 -12.18 41.72
C PRO B 244 -5.99 -12.27 42.98
N GLU B 245 -4.67 -12.39 42.81
N GLU B 245 -4.67 -12.35 42.81
CA GLU B 245 -3.72 -12.57 43.94
CA GLU B 245 -3.72 -12.57 43.93
C GLU B 245 -3.59 -11.24 44.69
C GLU B 245 -3.54 -11.25 44.70
N THR B 246 -3.05 -10.20 44.04
CA THR B 246 -2.80 -8.88 44.69
C THR B 246 -4.11 -8.07 44.78
N GLY B 247 -5.08 -8.32 43.91
CA GLY B 247 -6.30 -7.49 43.76
C GLY B 247 -6.03 -6.20 43.02
N GLU B 248 -4.84 -6.03 42.45
CA GLU B 248 -4.41 -4.79 41.77
C GLU B 248 -4.60 -4.94 40.26
N PRO B 249 -4.94 -3.85 39.55
CA PRO B 249 -4.83 -3.80 38.09
C PRO B 249 -3.40 -3.43 37.69
N LEU B 250 -3.06 -3.61 36.41
CA LEU B 250 -1.81 -3.09 35.83
C LEU B 250 -1.87 -1.56 35.81
N ASP B 251 -0.74 -0.92 36.06
CA ASP B 251 -0.64 0.55 35.88
C ASP B 251 -0.39 0.84 34.38
N ASP B 252 -0.58 2.10 33.99
CA ASP B 252 -0.56 2.48 32.55
C ASP B 252 0.85 2.25 31.96
N GLU B 253 1.92 2.46 32.73
CA GLU B 253 3.31 2.26 32.26
C GLU B 253 3.48 0.77 31.94
N ASN B 254 3.05 -0.10 32.84
CA ASN B 254 3.21 -1.54 32.58
C ASN B 254 2.36 -1.97 31.38
N ILE B 255 1.15 -1.41 31.22
CA ILE B 255 0.30 -1.74 30.05
C ILE B 255 1.07 -1.37 28.78
N ARG B 256 1.75 -0.23 28.77
CA ARG B 256 2.54 0.19 27.60
C ARG B 256 3.61 -0.86 27.33
N TYR B 257 4.32 -1.31 28.36
CA TYR B 257 5.39 -2.31 28.17
C TYR B 257 4.78 -3.61 27.61
N GLN B 258 3.59 -4.01 28.07
CA GLN B 258 2.97 -5.24 27.52
C GLN B 258 2.66 -5.04 26.04
N ILE B 259 2.10 -3.90 25.66
CA ILE B 259 1.75 -3.66 24.24
C ILE B 259 3.03 -3.70 23.40
N ILE B 260 4.07 -3.01 23.82
CA ILE B 260 5.36 -3.04 23.07
C ILE B 260 5.82 -4.49 22.96
N THR B 261 5.72 -5.24 24.06
CA THR B 261 6.17 -6.65 24.10
C THR B 261 5.39 -7.49 23.08
N PHE B 262 4.07 -7.31 22.99
CA PHE B 262 3.26 -8.11 22.04
C PHE B 262 3.61 -7.71 20.59
N LEU B 263 3.87 -6.44 20.33
CA LEU B 263 4.17 -5.94 18.97
C LEU B 263 5.49 -6.51 18.49
N ILE B 264 6.47 -6.62 19.38
CA ILE B 264 7.78 -7.24 19.05
C ILE B 264 7.46 -8.68 18.63
N ALA B 265 6.71 -9.40 19.46
CA ALA B 265 6.43 -10.85 19.30
C ALA B 265 5.65 -11.09 18.01
N GLY B 266 4.67 -10.25 17.74
CA GLY B 266 3.78 -10.41 16.57
C GLY B 266 4.44 -10.06 15.25
N HIS B 267 5.63 -9.44 15.29
N HIS B 267 5.62 -9.44 15.28
CA HIS B 267 6.35 -8.87 14.13
CA HIS B 267 6.40 -9.06 14.07
C HIS B 267 7.45 -9.83 13.66
C HIS B 267 7.04 -10.32 13.47
N GLU B 268 7.97 -10.73 14.50
N GLU B 268 8.35 -10.23 13.19
CA GLU B 268 9.19 -11.50 14.12
CA GLU B 268 9.09 -11.26 12.42
C GLU B 268 8.93 -13.01 14.07
C GLU B 268 9.18 -12.56 13.22
N THR B 269 8.63 -13.61 15.22
N THR B 269 9.07 -12.54 14.55
CA THR B 269 8.60 -15.07 15.42
CA THR B 269 9.09 -13.80 15.34
C THR B 269 7.48 -15.69 14.56
C THR B 269 7.93 -14.69 14.88
N THR B 270 6.29 -15.11 14.62
N THR B 270 6.73 -14.14 14.68
CA THR B 270 5.14 -15.65 13.87
CA THR B 270 5.52 -14.92 14.27
C THR B 270 5.39 -15.41 12.39
C THR B 270 5.52 -15.23 12.75
N SER B 271 5.91 -14.24 11.96
CA SER B 271 6.03 -14.19 10.48
C SER B 271 7.10 -15.18 10.02
N GLY B 272 8.14 -15.41 10.82
CA GLY B 272 9.17 -16.39 10.45
C GLY B 272 8.58 -17.79 10.37
N LEU B 273 7.67 -18.13 11.28
CA LEU B 273 7.03 -19.45 11.24
C LEU B 273 6.31 -19.62 9.90
N LEU B 274 5.52 -18.63 9.48
CA LEU B 274 4.79 -18.74 8.20
C LEU B 274 5.78 -18.82 7.05
N SER B 275 6.84 -18.03 7.10
CA SER B 275 7.84 -17.99 6.01
C SER B 275 8.51 -19.36 5.88
N PHE B 276 8.98 -19.90 6.99
CA PHE B 276 9.62 -21.25 6.97
C PHE B 276 8.62 -22.31 6.56
N ALA B 277 7.38 -22.24 7.03
CA ALA B 277 6.39 -23.27 6.64
C ALA B 277 6.23 -23.24 5.12
N LEU B 278 6.07 -22.06 4.53
CA LEU B 278 5.85 -22.00 3.06
C LEU B 278 7.12 -22.46 2.33
N TYR B 279 8.31 -22.11 2.84
CA TYR B 279 9.60 -22.61 2.28
C TYR B 279 9.57 -24.13 2.25
N PHE B 280 9.28 -24.76 3.38
CA PHE B 280 9.32 -26.23 3.43
C PHE B 280 8.24 -26.83 2.54
N LEU B 281 7.08 -26.19 2.43
CA LEU B 281 6.03 -26.73 1.54
C LEU B 281 6.49 -26.67 0.08
N VAL B 282 7.05 -25.57 -0.38
CA VAL B 282 7.39 -25.50 -1.83
C VAL B 282 8.58 -26.43 -2.12
N LYS B 283 9.40 -26.74 -1.12
CA LYS B 283 10.54 -27.69 -1.31
C LYS B 283 10.09 -29.13 -1.17
N ASN B 284 8.86 -29.37 -0.72
CA ASN B 284 8.34 -30.74 -0.49
C ASN B 284 6.94 -30.81 -1.09
N PRO B 285 6.83 -30.85 -2.44
CA PRO B 285 5.51 -30.74 -3.08
C PRO B 285 4.49 -31.81 -2.68
N HIS B 286 4.92 -33.02 -2.27
CA HIS B 286 3.95 -34.05 -1.81
C HIS B 286 3.28 -33.57 -0.51
N VAL B 287 4.06 -32.92 0.35
CA VAL B 287 3.56 -32.39 1.64
C VAL B 287 2.66 -31.18 1.36
N LEU B 288 3.08 -30.34 0.43
N LEU B 288 3.06 -30.32 0.42
CA LEU B 288 2.25 -29.20 -0.01
CA LEU B 288 2.19 -29.18 0.03
C LEU B 288 0.88 -29.71 -0.49
C LEU B 288 0.85 -29.73 -0.47
N GLN B 289 0.86 -30.77 -1.31
CA GLN B 289 -0.40 -31.32 -1.82
C GLN B 289 -1.26 -31.85 -0.66
N LYS B 290 -0.68 -32.52 0.33
CA LYS B 290 -1.48 -33.03 1.48
C LYS B 290 -2.12 -31.83 2.19
N ALA B 291 -1.36 -30.77 2.39
CA ALA B 291 -1.87 -29.60 3.16
C ALA B 291 -2.92 -28.88 2.32
N ALA B 292 -2.70 -28.76 1.02
CA ALA B 292 -3.65 -28.08 0.10
C ALA B 292 -4.95 -28.88 0.01
N GLU B 293 -4.86 -30.21 0.00
CA GLU B 293 -6.08 -31.05 -0.05
C GLU B 293 -6.89 -30.78 1.21
N GLU B 294 -6.23 -30.71 2.36
CA GLU B 294 -6.97 -30.50 3.63
C GLU B 294 -7.62 -29.11 3.58
N ALA B 295 -6.88 -28.10 3.14
CA ALA B 295 -7.41 -26.73 3.12
C ALA B 295 -8.67 -26.70 2.23
N ALA B 296 -8.62 -27.31 1.06
CA ALA B 296 -9.76 -27.33 0.13
C ALA B 296 -10.96 -28.04 0.75
N ARG B 297 -10.71 -29.16 1.42
CA ARG B 297 -11.80 -30.01 1.96
C ARG B 297 -12.45 -29.31 3.17
N VAL B 298 -11.64 -28.61 3.97
CA VAL B 298 -12.11 -28.08 5.28
C VAL B 298 -12.69 -26.66 5.11
N LEU B 299 -12.01 -25.82 4.35
CA LEU B 299 -12.38 -24.38 4.28
C LEU B 299 -13.41 -24.19 3.17
N VAL B 300 -14.64 -24.60 3.45
CA VAL B 300 -15.73 -24.69 2.41
C VAL B 300 -16.51 -23.37 2.32
N ASP B 301 -16.22 -22.38 3.16
CA ASP B 301 -16.93 -21.09 3.17
C ASP B 301 -15.99 -19.98 2.72
N PRO B 302 -16.53 -18.87 2.17
CA PRO B 302 -15.67 -17.78 1.71
C PRO B 302 -14.76 -17.21 2.80
N VAL B 303 -15.26 -17.18 4.03
CA VAL B 303 -14.54 -16.68 5.23
C VAL B 303 -14.39 -17.88 6.16
N PRO B 304 -13.16 -18.31 6.53
CA PRO B 304 -13.03 -19.39 7.49
C PRO B 304 -13.63 -19.04 8.85
N SER B 305 -14.28 -20.01 9.47
CA SER B 305 -14.75 -19.93 10.88
C SER B 305 -13.64 -20.38 11.83
N TYR B 306 -13.79 -20.02 13.10
CA TYR B 306 -12.91 -20.54 14.19
C TYR B 306 -12.92 -22.08 14.15
N LYS B 307 -14.10 -22.67 14.06
CA LYS B 307 -14.27 -24.15 14.09
C LYS B 307 -13.50 -24.77 12.91
N GLN B 308 -13.55 -24.15 11.74
CA GLN B 308 -12.86 -24.70 10.55
C GLN B 308 -11.34 -24.63 10.76
N VAL B 309 -10.82 -23.56 11.35
CA VAL B 309 -9.35 -23.46 11.58
C VAL B 309 -8.92 -24.59 12.52
N LYS B 310 -9.73 -24.91 13.54
CA LYS B 310 -9.42 -25.99 14.49
C LYS B 310 -9.39 -27.35 13.78
N GLN B 311 -10.09 -27.49 12.65
CA GLN B 311 -10.19 -28.74 11.85
C GLN B 311 -8.94 -28.91 10.95
N LEU B 312 -8.07 -27.92 10.82
CA LEU B 312 -6.91 -28.00 9.91
C LEU B 312 -5.74 -28.74 10.59
N LYS B 313 -5.94 -30.02 10.87
CA LYS B 313 -4.95 -30.83 11.64
C LYS B 313 -3.62 -30.87 10.87
N TYR B 314 -3.66 -31.21 9.59
CA TYR B 314 -2.40 -31.37 8.82
C TYR B 314 -1.69 -30.03 8.69
N VAL B 315 -2.42 -28.95 8.48
CA VAL B 315 -1.77 -27.62 8.48
C VAL B 315 -1.07 -27.38 9.83
N GLY B 316 -1.70 -27.74 10.94
CA GLY B 316 -1.06 -27.61 12.26
C GLY B 316 0.20 -28.46 12.37
N MET B 317 0.17 -29.66 11.79
CA MET B 317 1.37 -30.53 11.78
C MET B 317 2.50 -29.92 10.95
N VAL B 318 2.16 -29.30 9.82
CA VAL B 318 3.16 -28.58 8.99
C VAL B 318 3.80 -27.48 9.84
N LEU B 319 2.98 -26.70 10.55
CA LEU B 319 3.53 -25.60 11.37
C LEU B 319 4.44 -26.16 12.47
N ASN B 320 4.04 -27.24 13.12
CA ASN B 320 4.88 -27.83 14.20
C ASN B 320 6.20 -28.31 13.60
N GLU B 321 6.17 -28.87 12.39
CA GLU B 321 7.42 -29.39 11.79
C GLU B 321 8.32 -28.24 11.37
N ALA B 322 7.77 -27.11 10.94
CA ALA B 322 8.56 -25.90 10.69
C ALA B 322 9.18 -25.36 11.99
N LEU B 323 8.43 -25.38 13.11
CA LEU B 323 8.95 -24.98 14.44
C LEU B 323 10.01 -25.98 14.90
N ARG B 324 9.88 -27.25 14.51
CA ARG B 324 10.92 -28.21 14.91
C ARG B 324 12.25 -27.80 14.26
N LEU B 325 12.26 -27.60 12.95
CA LEU B 325 13.52 -27.39 12.21
C LEU B 325 14.07 -25.99 12.44
N TRP B 326 13.24 -24.94 12.41
CA TRP B 326 13.74 -23.55 12.55
C TRP B 326 12.86 -22.79 13.51
N PRO B 327 12.96 -23.12 14.82
CA PRO B 327 12.19 -22.39 15.82
C PRO B 327 12.64 -20.92 15.80
N THR B 328 11.70 -19.99 15.68
CA THR B 328 12.02 -18.57 15.34
C THR B 328 12.40 -17.76 16.58
N ALA B 329 12.25 -18.32 17.78
CA ALA B 329 12.83 -17.77 19.02
C ALA B 329 13.81 -18.82 19.54
N PRO B 330 14.99 -18.93 18.93
CA PRO B 330 15.74 -20.19 18.95
C PRO B 330 16.50 -20.55 20.24
N ALA B 331 16.50 -19.67 21.23
CA ALA B 331 17.20 -19.99 22.49
C ALA B 331 16.51 -19.29 23.65
N PHE B 332 16.62 -19.91 24.81
CA PHE B 332 16.22 -19.26 26.08
C PHE B 332 17.21 -19.65 27.17
N SER B 333 17.23 -18.82 28.21
CA SER B 333 18.27 -18.85 29.25
C SER B 333 17.64 -19.20 30.60
N LEU B 334 18.38 -19.95 31.40
CA LEU B 334 17.93 -20.39 32.74
C LEU B 334 19.07 -20.15 33.72
N TYR B 335 18.74 -20.06 35.01
CA TYR B 335 19.77 -20.06 36.08
C TYR B 335 19.40 -21.11 37.13
N ALA B 336 20.42 -21.67 37.77
CA ALA B 336 20.28 -22.65 38.85
C ALA B 336 19.79 -21.94 40.12
N LYS B 337 18.67 -22.40 40.65
CA LYS B 337 18.05 -21.80 41.87
C LYS B 337 18.92 -22.12 43.09
N GLU B 338 19.57 -23.28 43.05
CA GLU B 338 20.47 -23.77 44.12
C GLU B 338 21.59 -24.57 43.48
N ASP B 339 22.64 -24.85 44.23
CA ASP B 339 23.65 -25.85 43.80
C ASP B 339 22.91 -27.13 43.38
N THR B 340 23.38 -27.77 42.31
CA THR B 340 22.72 -28.97 41.75
C THR B 340 23.66 -29.64 40.76
N VAL B 341 23.41 -30.90 40.47
CA VAL B 341 24.22 -31.66 39.49
C VAL B 341 23.31 -31.95 38.29
N LEU B 342 23.75 -31.48 37.13
CA LEU B 342 23.02 -31.68 35.86
C LEU B 342 23.47 -33.02 35.26
N GLY B 343 22.52 -33.92 35.00
CA GLY B 343 22.73 -35.17 34.25
C GLY B 343 23.64 -36.15 34.98
N GLY B 344 23.75 -36.01 36.30
CA GLY B 344 24.62 -36.83 37.18
C GLY B 344 26.09 -36.61 36.92
N GLU B 345 26.47 -35.56 36.17
CA GLU B 345 27.81 -35.44 35.54
C GLU B 345 28.39 -34.03 35.69
N TYR B 346 27.55 -32.98 35.74
CA TYR B 346 27.95 -31.57 35.59
C TYR B 346 27.50 -30.78 36.82
N PRO B 347 28.38 -30.61 37.84
CA PRO B 347 28.00 -29.83 39.02
C PRO B 347 27.82 -28.35 38.67
N LEU B 348 26.73 -27.77 39.16
CA LEU B 348 26.41 -26.34 38.98
C LEU B 348 26.31 -25.69 40.36
N GLU B 349 26.74 -24.44 40.45
CA GLU B 349 26.54 -23.60 41.66
C GLU B 349 25.27 -22.76 41.48
N LYS B 350 24.61 -22.46 42.59
CA LYS B 350 23.52 -21.47 42.60
C LYS B 350 23.88 -20.29 41.73
N GLY B 351 22.99 -19.92 40.80
CA GLY B 351 23.16 -18.75 39.91
C GLY B 351 23.80 -19.10 38.57
N ASP B 352 24.36 -20.31 38.43
CA ASP B 352 24.99 -20.72 37.16
C ASP B 352 23.95 -20.67 36.02
N GLU B 353 24.34 -20.17 34.86
N GLU B 353 24.37 -20.18 34.86
CA GLU B 353 23.40 -19.97 33.72
CA GLU B 353 23.52 -19.97 33.66
C GLU B 353 23.55 -21.09 32.68
C GLU B 353 23.54 -21.20 32.77
N LEU B 354 22.41 -21.48 32.11
CA LEU B 354 22.30 -22.46 31.01
C LEU B 354 21.60 -21.74 29.86
N MET B 355 22.02 -22.05 28.64
N MET B 355 21.94 -22.13 28.64
CA MET B 355 21.29 -21.66 27.41
CA MET B 355 21.26 -21.63 27.42
C MET B 355 20.73 -22.95 26.80
C MET B 355 20.78 -22.83 26.61
N VAL B 356 19.46 -22.92 26.39
CA VAL B 356 18.84 -24.04 25.64
C VAL B 356 18.88 -23.69 24.16
N LEU B 357 19.61 -24.49 23.37
CA LEU B 357 19.75 -24.25 21.93
C LEU B 357 18.64 -25.05 21.24
N ILE B 358 17.50 -24.40 21.00
CA ILE B 358 16.28 -25.14 20.59
C ILE B 358 16.48 -25.85 19.27
N PRO B 359 17.08 -25.26 18.22
CA PRO B 359 17.21 -26.00 16.96
C PRO B 359 18.00 -27.30 17.11
N GLN B 360 18.97 -27.32 18.02
CA GLN B 360 19.79 -28.52 18.29
C GLN B 360 18.97 -29.55 19.06
N LEU B 361 18.26 -29.12 20.10
CA LEU B 361 17.32 -30.02 20.82
C LEU B 361 16.43 -30.74 19.80
N HIS B 362 15.91 -29.99 18.84
CA HIS B 362 14.93 -30.48 17.85
C HIS B 362 15.60 -31.39 16.81
N ARG B 363 16.91 -31.59 16.89
CA ARG B 363 17.68 -32.50 16.01
C ARG B 363 18.29 -33.64 16.82
N ASP B 364 17.84 -33.84 18.06
CA ASP B 364 18.33 -34.95 18.91
C ASP B 364 17.87 -36.28 18.30
N LYS B 365 18.81 -37.06 17.77
CA LYS B 365 18.46 -38.30 17.01
C LYS B 365 17.91 -39.37 17.95
N THR B 366 18.20 -39.31 19.26
CA THR B 366 17.65 -40.27 20.25
C THR B 366 16.15 -40.03 20.42
N ILE B 367 15.65 -38.85 20.05
CA ILE B 367 14.20 -38.52 20.13
C ILE B 367 13.57 -38.74 18.75
N TRP B 368 14.16 -38.15 17.71
CA TRP B 368 13.47 -37.96 16.41
C TRP B 368 13.86 -39.04 15.41
N GLY B 369 14.93 -39.80 15.68
CA GLY B 369 15.49 -40.77 14.72
C GLY B 369 16.56 -40.16 13.83
N ASP B 370 17.06 -40.90 12.84
CA ASP B 370 18.28 -40.53 12.08
C ASP B 370 17.98 -39.39 11.09
N ASP B 371 16.75 -39.31 10.59
CA ASP B 371 16.34 -38.45 9.44
C ASP B 371 15.97 -37.04 9.91
N VAL B 372 16.72 -36.43 10.84
CA VAL B 372 16.24 -35.22 11.57
C VAL B 372 16.12 -34.02 10.63
N GLU B 373 16.78 -34.00 9.48
CA GLU B 373 16.75 -32.82 8.58
C GLU B 373 15.57 -32.90 7.61
N GLU B 374 14.90 -34.05 7.52
N GLU B 374 14.89 -34.04 7.52
CA GLU B 374 13.71 -34.24 6.65
CA GLU B 374 13.75 -34.21 6.59
C GLU B 374 12.54 -33.45 7.20
C GLU B 374 12.54 -33.47 7.18
N PHE B 375 11.76 -32.83 6.30
CA PHE B 375 10.50 -32.15 6.65
C PHE B 375 9.35 -33.15 6.56
N ARG B 376 8.91 -33.65 7.72
CA ARG B 376 7.92 -34.74 7.82
C ARG B 376 6.86 -34.37 8.86
N PRO B 377 5.79 -33.66 8.46
CA PRO B 377 4.75 -33.26 9.40
C PRO B 377 4.16 -34.42 10.21
N GLU B 378 4.23 -35.63 9.67
CA GLU B 378 3.66 -36.86 10.27
C GLU B 378 4.34 -37.16 11.60
N ARG B 379 5.50 -36.56 11.88
CA ARG B 379 6.13 -36.68 13.22
C ARG B 379 5.14 -36.19 14.29
N PHE B 380 4.26 -35.26 13.92
CA PHE B 380 3.32 -34.60 14.87
C PHE B 380 1.89 -35.12 14.71
N GLU B 381 1.70 -36.32 14.15
CA GLU B 381 0.34 -36.91 14.02
C GLU B 381 -0.29 -37.05 15.40
N ASN B 382 0.53 -37.40 16.40
N ASN B 382 0.46 -37.52 16.40
CA ASN B 382 0.09 -37.64 17.79
CA ASN B 382 -0.01 -37.60 17.82
C ASN B 382 0.97 -36.84 18.75
C ASN B 382 0.95 -36.83 18.72
N PRO B 383 0.67 -35.55 19.03
CA PRO B 383 1.48 -34.81 20.00
C PRO B 383 1.90 -35.57 21.29
N SER B 384 1.14 -36.57 21.74
N SER B 384 1.08 -36.54 21.74
CA SER B 384 1.34 -37.30 23.02
CA SER B 384 1.26 -37.35 22.99
C SER B 384 2.40 -38.40 22.90
C SER B 384 2.46 -38.28 22.88
N ALA B 385 2.76 -38.79 21.68
CA ALA B 385 3.96 -39.62 21.40
C ALA B 385 5.22 -38.80 21.69
N ILE B 386 5.15 -37.46 21.67
CA ILE B 386 6.40 -36.65 21.77
C ILE B 386 6.84 -36.62 23.23
N PRO B 387 8.05 -37.12 23.53
CA PRO B 387 8.54 -37.17 24.90
C PRO B 387 8.53 -35.79 25.57
N GLN B 388 8.35 -35.76 26.90
CA GLN B 388 8.38 -34.49 27.66
C GLN B 388 9.69 -33.75 27.38
N HIS B 389 9.58 -32.46 27.13
CA HIS B 389 10.69 -31.50 26.95
C HIS B 389 11.48 -31.79 25.68
N ALA B 390 10.97 -32.58 24.74
CA ALA B 390 11.68 -32.82 23.46
C ALA B 390 11.44 -31.67 22.47
N PHE B 391 10.30 -31.01 22.60
CA PHE B 391 9.81 -30.06 21.59
C PHE B 391 9.45 -28.78 22.35
N LYS B 392 10.29 -27.75 22.21
CA LYS B 392 10.19 -26.55 23.08
C LYS B 392 10.25 -25.24 22.31
N PRO B 393 9.55 -25.09 21.16
CA PRO B 393 9.63 -23.84 20.40
C PRO B 393 9.02 -22.64 21.14
N PHE B 394 8.19 -22.90 22.15
CA PHE B 394 7.49 -21.87 22.94
C PHE B 394 8.07 -21.77 24.35
N GLY B 395 9.26 -22.31 24.59
CA GLY B 395 9.86 -22.16 25.92
C GLY B 395 9.25 -23.14 26.91
N ASN B 396 9.37 -22.80 28.19
CA ASN B 396 9.15 -23.80 29.26
C ASN B 396 8.29 -23.28 30.42
N GLY B 397 7.34 -24.12 30.83
CA GLY B 397 6.64 -24.00 32.12
C GLY B 397 5.89 -22.69 32.24
N GLN B 398 5.93 -22.07 33.41
CA GLN B 398 5.15 -20.83 33.65
C GLN B 398 5.74 -19.66 32.86
N ARG B 399 6.99 -19.77 32.39
CA ARG B 399 7.64 -18.73 31.55
C ARG B 399 7.58 -19.12 30.07
N ALA B 400 6.69 -20.05 29.71
CA ALA B 400 6.48 -20.36 28.28
C ALA B 400 5.75 -19.21 27.61
N CYS B 401 5.75 -19.22 26.28
CA CYS B 401 5.12 -18.18 25.47
C CYS B 401 3.64 -18.02 25.82
N ILE B 402 3.22 -16.83 26.25
CA ILE B 402 1.77 -16.62 26.50
C ILE B 402 1.02 -16.54 25.18
N GLY B 403 1.72 -16.21 24.10
CA GLY B 403 1.11 -16.01 22.77
C GLY B 403 0.97 -17.27 21.95
N GLN B 404 1.28 -18.45 22.50
CA GLN B 404 1.38 -19.68 21.67
C GLN B 404 0.06 -19.93 20.94
N GLN B 405 -1.07 -19.86 21.66
N GLN B 405 -1.07 -19.86 21.65
CA GLN B 405 -2.37 -20.17 21.01
CA GLN B 405 -2.38 -20.15 21.03
C GLN B 405 -2.68 -19.11 19.94
C GLN B 405 -2.69 -19.11 19.94
N PHE B 406 -2.35 -17.85 20.21
CA PHE B 406 -2.59 -16.74 19.26
C PHE B 406 -1.76 -16.98 18.00
N ALA B 407 -0.47 -17.23 18.18
CA ALA B 407 0.45 -17.44 17.05
C ALA B 407 -0.04 -18.61 16.20
N LEU B 408 -0.39 -19.71 16.84
CA LEU B 408 -0.76 -20.90 16.05
C LEU B 408 -2.13 -20.72 15.41
N HIS B 409 -3.04 -20.00 16.03
CA HIS B 409 -4.37 -19.78 15.38
C HIS B 409 -4.17 -18.91 14.13
N GLU B 410 -3.45 -17.81 14.26
N GLU B 410 -3.47 -17.78 14.34
CA GLU B 410 -3.23 -16.91 13.10
CA GLU B 410 -3.01 -16.85 13.27
C GLU B 410 -2.44 -17.69 12.03
C GLU B 410 -2.44 -17.65 12.11
N ALA B 411 -1.41 -18.44 12.41
CA ALA B 411 -0.60 -19.10 11.37
C ALA B 411 -1.42 -20.18 10.67
N THR B 412 -2.24 -20.92 11.41
CA THR B 412 -3.09 -21.97 10.81
C THR B 412 -4.12 -21.33 9.88
N LEU B 413 -4.77 -20.28 10.32
CA LEU B 413 -5.79 -19.59 9.50
C LEU B 413 -5.17 -19.13 8.18
N VAL B 414 -4.04 -18.44 8.28
CA VAL B 414 -3.39 -17.78 7.13
C VAL B 414 -2.86 -18.86 6.18
N LEU B 415 -2.14 -19.85 6.70
CA LEU B 415 -1.54 -20.87 5.81
C LEU B 415 -2.68 -21.65 5.18
N GLY B 416 -3.76 -21.95 5.90
CA GLY B 416 -4.92 -22.63 5.29
C GLY B 416 -5.51 -21.81 4.17
N MET B 417 -5.70 -20.51 4.37
CA MET B 417 -6.28 -19.65 3.30
C MET B 417 -5.29 -19.58 2.12
N MET B 418 -4.00 -19.46 2.37
CA MET B 418 -3.01 -19.44 1.27
C MET B 418 -3.12 -20.71 0.44
N LEU B 419 -3.21 -21.85 1.10
CA LEU B 419 -3.25 -23.14 0.40
C LEU B 419 -4.58 -23.37 -0.31
N LYS B 420 -5.65 -22.79 0.19
CA LYS B 420 -6.97 -22.87 -0.46
C LYS B 420 -6.94 -22.06 -1.75
N HIS B 421 -6.34 -20.87 -1.71
CA HIS B 421 -6.59 -19.87 -2.77
C HIS B 421 -5.54 -19.88 -3.89
N PHE B 422 -4.36 -20.47 -3.68
CA PHE B 422 -3.24 -20.39 -4.63
C PHE B 422 -2.49 -21.69 -4.75
N ASP B 423 -1.98 -21.92 -5.96
CA ASP B 423 -0.85 -22.84 -6.21
C ASP B 423 0.43 -22.02 -6.14
N PHE B 424 1.52 -22.62 -5.69
CA PHE B 424 2.80 -21.92 -5.47
C PHE B 424 3.89 -22.51 -6.36
N GLU B 425 4.76 -21.64 -6.81
CA GLU B 425 5.94 -22.01 -7.62
C GLU B 425 7.19 -21.43 -6.95
N ASP B 426 8.17 -22.30 -6.70
CA ASP B 426 9.53 -21.91 -6.30
C ASP B 426 10.27 -21.52 -7.59
N HIS B 427 9.93 -20.36 -8.13
CA HIS B 427 10.34 -20.00 -9.52
C HIS B 427 11.84 -19.72 -9.63
N THR B 428 12.53 -19.41 -8.53
CA THR B 428 13.98 -19.10 -8.53
C THR B 428 14.81 -20.30 -8.02
N ASN B 429 14.16 -21.40 -7.61
CA ASN B 429 14.85 -22.53 -6.95
C ASN B 429 15.64 -21.94 -5.77
N TYR B 430 14.90 -21.34 -4.85
CA TYR B 430 15.48 -20.50 -3.78
C TYR B 430 16.44 -21.32 -2.92
N GLU B 431 17.62 -20.74 -2.67
CA GLU B 431 18.65 -21.34 -1.78
C GLU B 431 18.47 -20.77 -0.38
N LEU B 432 18.11 -21.60 0.58
CA LEU B 432 17.82 -21.12 1.95
C LEU B 432 19.00 -20.31 2.50
N ASP B 433 18.70 -19.10 2.94
CA ASP B 433 19.67 -18.18 3.58
C ASP B 433 18.96 -17.65 4.83
N ILE B 434 19.39 -18.09 6.01
CA ILE B 434 18.67 -17.74 7.26
C ILE B 434 19.33 -16.50 7.87
N LYS B 435 18.61 -15.39 7.84
CA LYS B 435 19.06 -14.11 8.44
C LYS B 435 18.67 -14.15 9.92
N GLU B 436 19.61 -13.75 10.77
CA GLU B 436 19.42 -13.75 12.23
C GLU B 436 19.36 -12.29 12.68
N THR B 437 18.27 -11.94 13.32
CA THR B 437 18.07 -10.64 14.00
C THR B 437 17.70 -10.98 15.44
N LEU B 438 16.61 -10.42 15.95
CA LEU B 438 15.91 -10.96 17.14
C LEU B 438 15.49 -12.41 16.84
N THR B 439 15.19 -12.69 15.58
CA THR B 439 14.51 -13.93 15.16
C THR B 439 15.27 -14.55 13.99
N LEU B 440 14.71 -15.60 13.39
CA LEU B 440 15.24 -16.28 12.18
C LEU B 440 14.24 -16.06 11.04
N LYS B 441 14.75 -15.87 9.83
N LYS B 441 14.75 -15.89 9.82
CA LYS B 441 13.88 -15.80 8.64
CA LYS B 441 13.88 -15.73 8.62
C LYS B 441 14.62 -16.28 7.41
C LYS B 441 14.61 -16.22 7.39
N PRO B 442 13.89 -16.83 6.42
CA PRO B 442 14.50 -17.18 5.13
C PRO B 442 14.62 -15.92 4.25
N GLU B 443 15.76 -15.24 4.37
CA GLU B 443 15.99 -13.96 3.69
C GLU B 443 15.89 -14.17 2.18
N GLY B 444 15.17 -13.28 1.50
CA GLY B 444 15.11 -13.29 0.03
C GLY B 444 14.23 -14.40 -0.50
N PHE B 445 13.48 -15.09 0.36
CA PHE B 445 12.55 -16.16 -0.11
C PHE B 445 11.41 -15.51 -0.90
N VAL B 446 11.28 -15.94 -2.14
CA VAL B 446 10.27 -15.43 -3.11
C VAL B 446 9.59 -16.64 -3.76
N VAL B 447 8.34 -16.45 -4.12
CA VAL B 447 7.55 -17.46 -4.86
C VAL B 447 6.64 -16.73 -5.84
N LYS B 448 6.07 -17.48 -6.76
CA LYS B 448 4.93 -17.03 -7.57
C LYS B 448 3.70 -17.78 -7.09
N ALA B 449 2.56 -17.11 -7.02
CA ALA B 449 1.26 -17.70 -6.63
C ALA B 449 0.33 -17.60 -7.83
N LYS B 450 -0.22 -18.73 -8.24
CA LYS B 450 -1.23 -18.79 -9.31
C LYS B 450 -2.58 -18.98 -8.64
N SER B 451 -3.48 -18.04 -8.85
CA SER B 451 -4.80 -18.07 -8.20
C SER B 451 -5.58 -19.30 -8.67
N LYS B 452 -6.24 -19.94 -7.72
CA LYS B 452 -7.24 -20.99 -8.03
C LYS B 452 -8.58 -20.33 -8.34
N LYS B 453 -8.67 -19.00 -8.30
CA LYS B 453 -9.87 -18.23 -8.71
C LYS B 453 -11.07 -18.68 -7.86
N ILE B 454 -10.87 -18.82 -6.55
CA ILE B 454 -11.95 -19.10 -5.58
C ILE B 454 -12.31 -17.80 -4.87
N PRO B 455 -13.57 -17.32 -5.02
CA PRO B 455 -13.97 -16.05 -4.43
C PRO B 455 -13.90 -16.03 -2.90
N LEU B 456 -13.66 -14.84 -2.35
CA LEU B 456 -13.82 -14.49 -0.91
C LEU B 456 -15.21 -13.90 -0.67
#